data_3TTD
#
_entry.id   3TTD
#
_cell.length_a   46.446
_cell.length_b   77.730
_cell.length_c   200.635
_cell.angle_alpha   90.00
_cell.angle_beta   90.00
_cell.angle_gamma   90.00
#
_symmetry.space_group_name_H-M   'P 21 21 21'
#
loop_
_entity.id
_entity.type
_entity.pdbx_description
1 polymer 'Transcriptional regulatory protein'
2 non-polymer 'ZINC ION'
3 non-polymer 'MAGNESIUM ION'
4 water water
#
_entity_poly.entity_id   1
_entity_poly.type   'polypeptide(L)'
_entity_poly.pdbx_seq_one_letter_code
;GSQSAGGAMNTQIVPDAATCPACLAEMNTPGERRYRYPFINCTHCGPRFTIIRAMPYDRPFTVMAAFPLCPACDKEYRDP
LDRRFHAQPVACPECGPYLEWVSHGEHAEQEAALQAAIAQLKMGNIVAIKGIGGFHLACDARNSNAVATLRARKHRPAKP
LAVMLPVADGLPDAARQLLTTPAAPIVLVDKKYVPELCDDIAPGLNEVGVMLPANPLQHLLLQELQCPLVMTSGNLSGKP
PAISNEQALEDLQGIADGFLIHNRDIVQRMDDSVVRESGEMLRRSRGYVPDALALPPGFKNVPPVLCLGADLKNTFCLVR
GEQVVLSQHLGDLSDDGIQTQWREALRLMQNIYNFTPQYVVHDAHPGYVSCQWASEMNLPTQTVLHHHAHAAACLAEHQW
PLDGGDVIALTLDGIGMGENGALWGGECLRVNYRECEHLGGLPAVALPGGDLAAKQPWRNLLAQCLRFVPEWQNYPETAS
VAAANWSVLARAIERGINAPLASSCGRLFDAVAAALGCAPATLSYEGEAACALEALAASCDGVTHPVTMPRVDNQLDLAT
FWQQWLNWQAPVNQRAWAFHDALAQGFAALMREQATMRGITTLVFSGGVIHNRLLRARLAHYLADFTLLFPQSLPAGDGG
LSLGQGVIAAARWLAGEV
;
_entity_poly.pdbx_strand_id   A
#
loop_
_chem_comp.id
_chem_comp.type
_chem_comp.name
_chem_comp.formula
MG non-polymer 'MAGNESIUM ION' 'Mg 2'
ZN non-polymer 'ZINC ION' 'Zn 2'
#
# COMPACT_ATOMS: atom_id res chain seq x y z
N GLN A 12 -5.93 8.85 25.95
CA GLN A 12 -5.98 8.55 24.48
C GLN A 12 -4.76 7.72 24.06
N ILE A 13 -4.96 6.76 23.16
CA ILE A 13 -3.81 6.08 22.59
C ILE A 13 -3.45 6.71 21.24
N VAL A 14 -2.15 6.95 21.09
CA VAL A 14 -1.58 7.60 19.92
C VAL A 14 -0.75 6.58 19.12
N PRO A 15 -0.47 6.86 17.83
CA PRO A 15 0.25 5.84 17.07
C PRO A 15 1.64 5.58 17.61
N ASP A 16 2.23 4.44 17.28
CA ASP A 16 3.67 4.17 17.53
C ASP A 16 4.52 5.36 17.03
N ALA A 17 5.50 5.82 17.85
CA ALA A 17 6.24 7.05 17.55
C ALA A 17 7.76 6.89 17.50
N ALA A 18 8.39 7.52 16.50
CA ALA A 18 9.84 7.51 16.34
C ALA A 18 10.50 7.96 17.63
N THR A 19 11.58 7.30 18.05
CA THR A 19 12.46 7.81 19.13
C THR A 19 12.67 9.34 19.01
N CYS A 20 12.43 10.10 20.10
CA CYS A 20 12.53 11.59 20.07
C CYS A 20 13.97 12.10 20.22
N PRO A 21 14.21 13.40 19.94
CA PRO A 21 15.61 13.90 20.10
C PRO A 21 16.22 13.69 21.50
N ALA A 22 15.44 13.94 22.53
CA ALA A 22 15.87 13.75 23.93
C ALA A 22 16.24 12.31 24.32
N CYS A 23 15.52 11.30 23.83
CA CYS A 23 15.84 9.90 24.13
C CYS A 23 17.08 9.50 23.32
N LEU A 24 17.12 9.96 22.08
CA LEU A 24 18.31 9.78 21.25
C LEU A 24 19.61 10.37 21.90
N ALA A 25 19.53 11.59 22.43
CA ALA A 25 20.65 12.18 23.18
C ALA A 25 20.99 11.39 24.46
N GLU A 26 19.98 10.95 25.21
CA GLU A 26 20.21 10.13 26.41
C GLU A 26 20.94 8.85 26.04
N MET A 27 20.48 8.20 24.97
CA MET A 27 21.09 6.99 24.44
C MET A 27 22.56 7.18 23.98
N ASN A 28 22.91 8.34 23.44
CA ASN A 28 24.27 8.58 22.97
C ASN A 28 25.24 9.25 24.01
N THR A 29 24.88 9.24 25.28
CA THR A 29 25.63 9.97 26.31
C THR A 29 26.27 9.01 27.29
N PRO A 30 27.60 8.79 27.18
CA PRO A 30 28.29 7.83 28.08
C PRO A 30 28.06 8.25 29.52
N GLY A 31 27.86 7.30 30.41
CA GLY A 31 27.56 7.63 31.81
C GLY A 31 26.07 7.61 32.12
N GLU A 32 25.23 7.85 31.10
CA GLU A 32 23.79 7.66 31.32
C GLU A 32 23.53 6.18 31.54
N ARG A 33 22.60 5.87 32.44
CA ARG A 33 22.15 4.49 32.68
C ARG A 33 21.61 3.82 31.41
N ARG A 34 20.96 4.62 30.54
CA ARG A 34 20.37 4.16 29.27
C ARG A 34 21.31 4.36 28.09
N TYR A 35 22.60 4.55 28.38
CA TYR A 35 23.60 4.70 27.35
C TYR A 35 23.56 3.48 26.45
N ARG A 36 23.32 3.70 25.15
CA ARG A 36 23.26 2.64 24.15
C ARG A 36 22.21 1.56 24.47
N TYR A 37 21.17 1.93 25.22
CA TYR A 37 20.11 0.98 25.52
C TYR A 37 19.12 0.96 24.36
N PRO A 38 18.96 -0.19 23.65
CA PRO A 38 18.09 -0.17 22.48
C PRO A 38 16.57 -0.10 22.71
N PHE A 39 16.11 0.05 23.94
CA PHE A 39 14.66 0.08 24.23
C PHE A 39 14.25 1.34 25.00
N ILE A 40 15.15 2.33 25.01
CA ILE A 40 14.86 3.62 25.57
C ILE A 40 13.57 4.20 24.93
N ASN A 41 12.67 4.72 25.78
CA ASN A 41 11.49 5.47 25.30
C ASN A 41 11.08 6.44 26.38
N CYS A 42 10.21 7.39 26.06
CA CYS A 42 9.66 8.25 27.08
C CYS A 42 8.19 8.51 26.84
N THR A 43 7.62 9.47 27.52
CA THR A 43 6.20 9.77 27.36
C THR A 43 5.85 10.26 25.94
N HIS A 44 6.85 10.78 25.22
CA HIS A 44 6.67 11.34 23.88
C HIS A 44 6.99 10.41 22.70
N CYS A 45 7.49 9.21 22.95
CA CYS A 45 7.98 8.36 21.87
C CYS A 45 7.99 6.88 22.27
N GLY A 46 8.13 6.01 21.27
CA GLY A 46 8.24 4.61 21.50
C GLY A 46 6.97 3.90 21.05
N PRO A 47 6.96 2.57 21.19
CA PRO A 47 5.87 1.70 20.71
C PRO A 47 4.60 2.03 21.50
N ARG A 48 3.43 1.95 20.88
CA ARG A 48 2.13 2.16 21.56
C ARG A 48 1.17 1.01 21.20
N PHE A 49 0.47 1.15 20.08
CA PHE A 49 -0.50 0.20 19.61
C PHE A 49 0.12 -1.20 19.59
N THR A 50 1.41 -1.28 19.22
CA THR A 50 2.11 -2.57 19.07
C THR A 50 2.47 -3.35 20.36
N ILE A 51 2.37 -2.68 21.51
CA ILE A 51 2.71 -3.34 22.79
C ILE A 51 1.55 -3.43 23.79
N ILE A 52 0.34 -3.12 23.33
CA ILE A 52 -0.86 -3.10 24.16
C ILE A 52 -1.66 -4.39 24.00
N ARG A 53 -1.91 -5.06 25.12
CA ARG A 53 -2.77 -6.24 25.18
C ARG A 53 -4.26 -5.88 25.35
N ALA A 54 -4.55 -4.92 26.21
CA ALA A 54 -5.94 -4.52 26.46
C ALA A 54 -5.93 -3.13 27.07
N MET A 55 -7.07 -2.47 27.07
CA MET A 55 -7.19 -1.18 27.73
C MET A 55 -7.50 -1.40 29.23
N PRO A 56 -7.23 -0.38 30.08
CA PRO A 56 -6.54 0.91 29.78
C PRO A 56 -5.02 0.85 29.47
N TYR A 57 -4.51 1.90 28.86
CA TYR A 57 -3.07 1.97 28.56
C TYR A 57 -2.32 2.05 29.88
N ASP A 58 -1.77 0.93 30.33
CA ASP A 58 -1.17 0.88 31.67
C ASP A 58 -0.24 -0.31 31.64
N ARG A 59 0.96 -0.14 32.17
CA ARG A 59 2.00 -1.15 32.06
C ARG A 59 1.50 -2.61 32.26
N PRO A 60 0.66 -2.88 33.31
CA PRO A 60 0.16 -4.28 33.50
C PRO A 60 -0.60 -4.87 32.30
N PHE A 61 -1.13 -4.01 31.42
CA PHE A 61 -1.91 -4.49 30.26
C PHE A 61 -1.17 -4.28 28.94
N THR A 62 0.14 -4.18 29.05
CA THR A 62 1.04 -4.04 27.92
C THR A 62 1.99 -5.21 28.03
N VAL A 63 2.70 -5.48 26.94
CA VAL A 63 3.76 -6.48 26.90
C VAL A 63 4.86 -6.25 27.96
N MET A 64 4.89 -5.08 28.59
CA MET A 64 5.96 -4.79 29.55
C MET A 64 5.70 -5.23 31.01
N ALA A 65 4.53 -5.80 31.27
CA ALA A 65 4.19 -6.32 32.61
C ALA A 65 5.20 -7.38 33.08
N ALA A 66 5.80 -8.09 32.12
CA ALA A 66 6.86 -9.11 32.32
C ALA A 66 8.16 -8.59 32.96
N PHE A 67 8.38 -7.27 32.84
CA PHE A 67 9.61 -6.59 33.26
C PHE A 67 9.41 -5.61 34.44
N PRO A 68 9.43 -6.10 35.69
CA PRO A 68 9.28 -5.10 36.77
C PRO A 68 10.43 -4.09 36.77
N LEU A 69 10.10 -2.84 37.07
CA LEU A 69 11.04 -1.76 36.98
C LEU A 69 12.02 -1.82 38.13
N CYS A 70 13.29 -1.51 37.88
CA CYS A 70 14.28 -1.30 38.93
C CYS A 70 13.88 -0.03 39.68
N PRO A 71 14.47 0.24 40.87
CA PRO A 71 14.07 1.45 41.60
C PRO A 71 14.36 2.78 40.87
N ALA A 72 15.44 2.86 40.11
CA ALA A 72 15.78 4.12 39.45
C ALA A 72 14.78 4.47 38.36
N CYS A 73 14.41 3.45 37.58
CA CYS A 73 13.32 3.53 36.58
C CYS A 73 11.95 3.89 37.17
N ASP A 74 11.61 3.25 38.27
CA ASP A 74 10.33 3.45 38.92
C ASP A 74 10.20 4.88 39.51
N LYS A 75 11.31 5.40 40.04
CA LYS A 75 11.37 6.79 40.49
C LYS A 75 11.09 7.75 39.29
N GLU A 76 11.63 7.44 38.11
CA GLU A 76 11.39 8.29 36.92
C GLU A 76 9.94 8.17 36.38
N TYR A 77 9.42 6.95 36.35
CA TYR A 77 8.04 6.66 35.98
C TYR A 77 7.04 7.41 36.87
N ARG A 78 7.43 7.63 38.13
CA ARG A 78 6.54 8.26 39.13
C ARG A 78 6.65 9.79 39.33
N ASP A 79 7.74 10.40 38.85
CA ASP A 79 7.97 11.84 39.01
C ASP A 79 7.22 12.58 37.92
N PRO A 80 6.15 13.33 38.30
CA PRO A 80 5.32 14.13 37.40
C PRO A 80 6.06 15.09 36.46
N LEU A 81 7.24 15.57 36.86
CA LEU A 81 8.02 16.49 36.02
C LEU A 81 9.06 15.81 35.11
N ASP A 82 9.19 14.49 35.24
CA ASP A 82 10.19 13.73 34.49
C ASP A 82 9.64 13.39 33.11
N ARG A 83 10.49 13.44 32.09
CA ARG A 83 10.11 13.11 30.71
C ARG A 83 9.50 11.71 30.57
N ARG A 84 9.90 10.83 31.49
CA ARG A 84 9.47 9.43 31.47
C ARG A 84 8.28 9.17 32.40
N PHE A 85 7.65 10.24 32.90
CA PHE A 85 6.47 10.11 33.76
C PHE A 85 5.36 9.31 33.07
N HIS A 86 5.04 8.15 33.69
CA HIS A 86 4.01 7.25 33.21
C HIS A 86 4.36 6.79 31.79
N ALA A 87 5.65 6.71 31.49
CA ALA A 87 6.05 6.11 30.23
C ALA A 87 5.82 4.60 30.41
N GLN A 88 4.69 4.14 29.91
CA GLN A 88 4.21 2.79 30.21
C GLN A 88 5.21 1.66 29.88
N PRO A 89 5.88 1.71 28.67
CA PRO A 89 6.91 0.72 28.43
C PRO A 89 8.36 1.18 28.73
N VAL A 90 8.57 2.09 29.68
CA VAL A 90 9.93 2.50 30.08
C VAL A 90 10.73 1.28 30.57
N ALA A 91 12.04 1.29 30.33
CA ALA A 91 12.95 0.30 30.86
C ALA A 91 14.39 0.83 30.82
N CYS A 92 15.33 0.16 31.49
CA CYS A 92 16.78 0.40 31.29
C CYS A 92 17.47 -0.94 31.19
N PRO A 93 18.82 -0.96 30.95
CA PRO A 93 19.49 -2.26 30.84
C PRO A 93 19.34 -3.17 32.07
N GLU A 94 19.19 -2.58 33.27
CA GLU A 94 19.09 -3.38 34.51
C GLU A 94 17.78 -4.15 34.55
N CYS A 95 16.68 -3.48 34.20
CA CYS A 95 15.34 -4.11 34.30
C CYS A 95 14.62 -4.43 32.97
N GLY A 96 15.19 -4.10 31.83
CA GLY A 96 14.39 -4.19 30.60
C GLY A 96 14.72 -5.37 29.71
N PRO A 97 14.12 -5.40 28.50
CA PRO A 97 14.46 -6.36 27.44
C PRO A 97 15.89 -6.20 26.94
N TYR A 98 16.42 -7.23 26.29
CA TYR A 98 17.78 -7.16 25.78
C TYR A 98 17.88 -7.84 24.42
N LEU A 99 18.92 -7.46 23.68
CA LEU A 99 19.13 -7.99 22.33
C LEU A 99 19.62 -9.41 22.41
N GLU A 100 19.28 -10.21 21.40
CA GLU A 100 19.82 -11.54 21.26
C GLU A 100 20.23 -11.75 19.83
N TRP A 101 21.37 -12.42 19.61
CA TRP A 101 21.93 -12.70 18.28
C TRP A 101 21.96 -14.19 18.08
N VAL A 102 21.44 -14.65 16.95
CA VAL A 102 21.37 -16.07 16.63
C VAL A 102 21.90 -16.26 15.22
N SER A 103 22.90 -17.11 15.04
CA SER A 103 23.41 -17.39 13.68
C SER A 103 24.15 -18.72 13.47
N HIS A 104 23.51 -19.78 12.97
CA HIS A 104 24.22 -21.09 12.73
C HIS A 104 25.25 -21.44 13.81
N GLY A 105 24.78 -21.95 14.95
CA GLY A 105 25.66 -22.18 16.10
C GLY A 105 26.59 -21.01 16.39
N GLU A 106 25.99 -19.83 16.58
N GLU A 106 25.97 -19.83 16.54
CA GLU A 106 26.64 -18.71 17.25
CA GLU A 106 26.56 -18.63 17.14
C GLU A 106 25.54 -17.91 17.92
C GLU A 106 25.45 -18.07 18.01
N HIS A 107 25.81 -17.47 19.14
CA HIS A 107 24.83 -16.83 19.98
C HIS A 107 25.54 -15.73 20.73
N ALA A 108 24.85 -14.61 20.92
CA ALA A 108 25.33 -13.55 21.77
C ALA A 108 24.16 -12.77 22.32
N GLU A 109 24.44 -11.86 23.24
CA GLU A 109 23.40 -11.00 23.77
C GLU A 109 23.96 -9.63 24.04
N GLN A 110 23.03 -8.68 24.20
CA GLN A 110 23.29 -7.27 24.48
C GLN A 110 24.21 -6.58 23.47
N GLU A 111 25.20 -5.81 23.94
CA GLU A 111 26.10 -5.09 23.03
C GLU A 111 26.82 -6.04 22.06
N ALA A 112 27.21 -7.22 22.56
CA ALA A 112 27.82 -8.23 21.69
C ALA A 112 26.88 -8.77 20.61
N ALA A 113 25.59 -8.87 20.91
CA ALA A 113 24.58 -9.23 19.90
C ALA A 113 24.54 -8.18 18.78
N LEU A 114 24.59 -6.91 19.18
CA LEU A 114 24.58 -5.78 18.28
C LEU A 114 25.80 -5.75 17.37
N GLN A 115 26.99 -5.90 17.97
CA GLN A 115 28.25 -5.97 17.21
C GLN A 115 28.32 -7.17 16.25
N ALA A 116 27.72 -8.31 16.62
CA ALA A 116 27.73 -9.45 15.71
C ALA A 116 26.96 -9.08 14.44
N ALA A 117 25.78 -8.48 14.61
CA ALA A 117 24.91 -8.03 13.49
C ALA A 117 25.62 -6.99 12.63
N ILE A 118 26.30 -6.05 13.27
CA ILE A 118 27.07 -5.02 12.55
C ILE A 118 28.18 -5.66 11.73
N ALA A 119 28.89 -6.65 12.29
CA ALA A 119 29.99 -7.28 11.52
C ALA A 119 29.44 -8.08 10.35
N GLN A 120 28.30 -8.71 10.54
CA GLN A 120 27.67 -9.43 9.45
C GLN A 120 27.20 -8.53 8.32
N LEU A 121 26.57 -7.40 8.66
CA LEU A 121 26.14 -6.45 7.65
C LEU A 121 27.30 -5.86 6.86
N LYS A 122 28.40 -5.55 7.57
CA LYS A 122 29.56 -4.99 6.93
C LYS A 122 30.22 -5.99 5.97
N MET A 123 30.09 -7.29 6.25
CA MET A 123 30.71 -8.28 5.39
C MET A 123 29.84 -8.59 4.17
N GLY A 124 28.71 -7.89 4.05
CA GLY A 124 27.81 -8.10 2.90
C GLY A 124 26.78 -9.21 3.11
N ASN A 125 26.57 -9.61 4.37
CA ASN A 125 25.59 -10.62 4.68
C ASN A 125 24.18 -10.03 4.91
N ILE A 126 23.19 -10.89 5.05
N ILE A 126 23.19 -10.91 4.99
CA ILE A 126 21.82 -10.42 5.27
CA ILE A 126 21.82 -10.52 5.31
C ILE A 126 21.26 -10.82 6.65
C ILE A 126 21.52 -10.79 6.78
N VAL A 127 20.91 -9.82 7.46
CA VAL A 127 20.43 -10.04 8.82
C VAL A 127 18.97 -9.69 8.99
N ALA A 128 18.26 -10.56 9.71
CA ALA A 128 16.88 -10.27 10.13
C ALA A 128 16.94 -9.47 11.41
N ILE A 129 16.16 -8.39 11.46
CA ILE A 129 16.22 -7.47 12.58
C ILE A 129 14.83 -7.31 13.11
N LYS A 130 14.66 -7.46 14.41
CA LYS A 130 13.35 -7.28 15.00
C LYS A 130 13.04 -5.77 15.07
N GLY A 131 11.85 -5.38 14.62
CA GLY A 131 11.47 -3.96 14.70
C GLY A 131 10.27 -3.74 15.59
N ILE A 132 9.58 -2.61 15.42
CA ILE A 132 8.38 -2.29 16.21
C ILE A 132 7.16 -3.17 15.86
N GLY A 133 6.93 -3.45 14.57
CA GLY A 133 5.66 -4.03 14.12
C GLY A 133 5.83 -5.32 13.31
N GLY A 134 7.00 -5.94 13.46
CA GLY A 134 7.46 -7.10 12.66
C GLY A 134 8.98 -7.13 12.59
N PHE A 135 9.51 -7.80 11.57
CA PHE A 135 10.94 -8.08 11.44
C PHE A 135 11.29 -7.59 10.06
N HIS A 136 12.48 -7.04 9.93
CA HIS A 136 13.02 -6.64 8.65
C HIS A 136 14.14 -7.57 8.20
N LEU A 137 14.36 -7.62 6.90
CA LEU A 137 15.59 -8.11 6.34
C LEU A 137 16.46 -6.97 5.88
N ALA A 138 17.72 -6.98 6.31
CA ALA A 138 18.66 -5.91 5.99
C ALA A 138 19.96 -6.39 5.32
N CYS A 139 20.57 -5.51 4.51
CA CYS A 139 21.94 -5.68 4.00
C CYS A 139 22.41 -4.33 3.42
N ASP A 140 23.71 -4.25 3.11
CA ASP A 140 24.32 -3.04 2.58
C ASP A 140 23.69 -2.79 1.22
N ALA A 141 23.00 -1.63 1.08
CA ALA A 141 22.28 -1.32 -0.14
C ALA A 141 23.16 -0.87 -1.30
N ARG A 142 24.45 -0.67 -1.05
CA ARG A 142 25.41 -0.38 -2.10
C ARG A 142 26.00 -1.69 -2.66
N ASN A 143 25.76 -2.80 -1.98
CA ASN A 143 26.43 -4.06 -2.29
C ASN A 143 25.59 -4.88 -3.24
N SER A 144 25.98 -4.82 -4.50
CA SER A 144 25.31 -5.51 -5.59
C SER A 144 25.13 -6.99 -5.30
N ASN A 145 26.21 -7.62 -4.82
CA ASN A 145 26.23 -9.03 -4.47
C ASN A 145 25.23 -9.37 -3.37
N ALA A 146 25.19 -8.54 -2.33
CA ALA A 146 24.27 -8.77 -1.22
C ALA A 146 22.83 -8.57 -1.67
N VAL A 147 22.59 -7.53 -2.43
CA VAL A 147 21.24 -7.27 -2.87
C VAL A 147 20.75 -8.39 -3.82
N ALA A 148 21.58 -8.85 -4.76
CA ALA A 148 21.20 -9.99 -5.64
C ALA A 148 20.93 -11.32 -4.87
N THR A 149 21.69 -11.55 -3.80
CA THR A 149 21.52 -12.71 -2.97
C THR A 149 20.22 -12.65 -2.19
N LEU A 150 19.88 -11.46 -1.68
CA LEU A 150 18.61 -11.24 -1.00
C LEU A 150 17.44 -11.44 -1.96
N ARG A 151 17.52 -10.85 -3.16
CA ARG A 151 16.47 -11.07 -4.16
C ARG A 151 16.30 -12.55 -4.57
N ALA A 152 17.44 -13.26 -4.74
CA ALA A 152 17.47 -14.68 -5.08
C ALA A 152 16.83 -15.50 -3.98
N ARG A 153 17.27 -15.28 -2.75
CA ARG A 153 16.73 -16.06 -1.65
C ARG A 153 15.26 -15.82 -1.37
N LYS A 154 14.77 -14.62 -1.63
CA LYS A 154 13.41 -14.26 -1.29
C LYS A 154 12.52 -14.40 -2.53
N HIS A 155 13.10 -14.82 -3.66
CA HIS A 155 12.35 -14.96 -4.93
C HIS A 155 11.62 -13.69 -5.33
N ARG A 156 12.35 -12.57 -5.35
CA ARG A 156 11.78 -11.24 -5.56
C ARG A 156 12.72 -10.61 -6.58
N PRO A 157 12.58 -10.98 -7.86
CA PRO A 157 13.59 -10.50 -8.80
C PRO A 157 13.50 -9.01 -9.17
N ALA A 158 12.37 -8.37 -8.87
CA ALA A 158 12.05 -7.06 -9.43
C ALA A 158 11.53 -6.04 -8.40
N LYS A 159 10.60 -6.48 -7.55
CA LYS A 159 9.88 -5.58 -6.67
C LYS A 159 10.83 -4.69 -5.84
N PRO A 160 10.63 -3.37 -5.91
CA PRO A 160 11.62 -2.49 -5.32
C PRO A 160 11.75 -2.66 -3.77
N LEU A 161 12.95 -2.43 -3.26
CA LEU A 161 13.23 -2.61 -1.86
C LEU A 161 13.29 -1.23 -1.20
N ALA A 162 12.72 -1.11 -0.02
CA ALA A 162 12.85 0.06 0.85
C ALA A 162 14.27 0.14 1.38
N VAL A 163 14.80 1.36 1.54
CA VAL A 163 16.17 1.52 2.02
C VAL A 163 16.20 2.49 3.21
N MET A 164 16.93 2.13 4.25
CA MET A 164 17.10 3.04 5.38
C MET A 164 18.41 3.82 5.24
N LEU A 165 18.36 5.15 5.33
CA LEU A 165 19.51 6.02 5.20
C LEU A 165 19.83 6.47 6.59
N PRO A 166 21.10 6.77 6.93
CA PRO A 166 21.46 7.29 8.25
C PRO A 166 20.87 8.71 8.54
N VAL A 167 20.79 9.56 7.51
CA VAL A 167 20.27 10.91 7.61
C VAL A 167 19.50 11.30 6.32
N ALA A 168 18.75 12.41 6.37
CA ALA A 168 18.01 12.88 5.19
C ALA A 168 18.78 13.90 4.29
N ASP A 169 20.05 14.17 4.62
CA ASP A 169 20.86 15.20 3.93
C ASP A 169 20.79 14.94 2.42
N GLY A 170 20.62 15.99 1.62
CA GLY A 170 20.58 15.87 0.15
C GLY A 170 19.23 15.57 -0.49
N LEU A 171 18.21 15.27 0.32
CA LEU A 171 16.87 14.99 -0.21
C LEU A 171 16.13 16.31 -0.29
N PRO A 172 15.07 16.42 -1.13
CA PRO A 172 14.35 17.68 -1.14
C PRO A 172 13.71 17.97 0.20
N ASP A 173 13.43 19.25 0.46
CA ASP A 173 12.86 19.67 1.76
C ASP A 173 11.54 18.97 2.08
N ALA A 174 10.72 18.70 1.06
CA ALA A 174 9.42 18.03 1.30
C ALA A 174 9.62 16.61 1.77
N ALA A 175 10.68 15.94 1.25
CA ALA A 175 10.97 14.59 1.68
C ALA A 175 11.50 14.59 3.09
N ARG A 176 12.49 15.44 3.38
CA ARG A 176 13.07 15.50 4.72
C ARG A 176 12.03 15.78 5.78
N GLN A 177 11.08 16.68 5.48
CA GLN A 177 10.00 17.01 6.39
C GLN A 177 9.17 15.80 6.75
N LEU A 178 8.76 15.00 5.75
CA LEU A 178 7.95 13.80 6.02
C LEU A 178 8.77 12.73 6.73
N LEU A 179 10.03 12.56 6.33
CA LEU A 179 10.86 11.47 6.86
C LEU A 179 11.13 11.63 8.36
N THR A 180 11.09 12.88 8.83
CA THR A 180 11.49 13.18 10.22
C THR A 180 10.31 13.42 11.17
N THR A 181 9.07 13.18 10.73
CA THR A 181 7.87 13.25 11.59
C THR A 181 7.88 12.04 12.51
N PRO A 182 7.15 12.08 13.65
CA PRO A 182 7.01 10.91 14.54
C PRO A 182 6.56 9.65 13.81
N ALA A 183 5.82 9.82 12.72
CA ALA A 183 5.33 8.66 12.00
C ALA A 183 6.45 7.92 11.26
N ALA A 184 7.53 8.64 10.91
CA ALA A 184 8.70 8.12 10.21
C ALA A 184 8.32 7.18 9.05
N PRO A 185 7.57 7.69 8.07
CA PRO A 185 7.27 6.76 6.96
C PRO A 185 8.43 6.48 6.02
N ILE A 186 8.26 5.45 5.17
CA ILE A 186 8.98 5.35 3.92
C ILE A 186 8.46 6.43 2.96
N VAL A 187 9.39 7.19 2.36
CA VAL A 187 9.02 8.25 1.41
C VAL A 187 9.68 7.97 0.07
N LEU A 188 8.86 7.91 -0.98
CA LEU A 188 9.36 7.69 -2.32
C LEU A 188 9.93 9.01 -2.83
N VAL A 189 11.15 8.91 -3.34
CA VAL A 189 11.99 10.04 -3.71
C VAL A 189 12.64 9.64 -5.06
N ASP A 190 12.94 10.61 -5.93
CA ASP A 190 13.55 10.31 -7.23
C ASP A 190 14.89 9.60 -6.98
N LYS A 191 15.18 8.53 -7.71
CA LYS A 191 16.42 7.82 -7.43
C LYS A 191 17.70 8.62 -7.76
N LYS A 192 17.62 9.67 -8.58
CA LYS A 192 18.77 10.56 -8.76
C LYS A 192 19.29 11.21 -7.46
N TYR A 193 18.47 11.27 -6.41
CA TYR A 193 18.96 11.91 -5.19
C TYR A 193 19.82 10.99 -4.38
N VAL A 194 19.81 9.70 -4.70
CA VAL A 194 20.48 8.67 -3.89
C VAL A 194 21.44 7.80 -4.73
N PRO A 195 22.52 8.41 -5.29
CA PRO A 195 23.37 7.62 -6.20
C PRO A 195 24.11 6.45 -5.56
N GLU A 196 24.24 6.42 -4.25
CA GLU A 196 24.93 5.37 -3.54
C GLU A 196 24.25 4.03 -3.66
N LEU A 197 22.96 4.03 -3.95
CA LEU A 197 22.23 2.77 -4.01
C LEU A 197 22.61 1.98 -5.25
N CYS A 198 22.92 0.68 -5.10
CA CYS A 198 23.20 -0.16 -6.27
C CYS A 198 21.94 -0.20 -7.17
N ASP A 199 22.08 -0.66 -8.42
CA ASP A 199 20.94 -0.51 -9.35
C ASP A 199 19.84 -1.56 -9.22
N ASP A 200 20.08 -2.59 -8.40
CA ASP A 200 19.12 -3.66 -8.15
C ASP A 200 18.17 -3.26 -7.00
N ILE A 201 18.24 -2.01 -6.53
CA ILE A 201 17.27 -1.56 -5.50
C ILE A 201 15.82 -1.38 -6.02
N ALA A 202 15.64 -0.65 -7.13
CA ALA A 202 14.31 -0.51 -7.76
C ALA A 202 14.43 -0.55 -9.26
N PRO A 203 14.84 -1.70 -9.82
CA PRO A 203 15.25 -1.73 -11.25
C PRO A 203 14.06 -1.44 -12.17
N GLY A 204 14.25 -0.61 -13.21
CA GLY A 204 13.14 -0.28 -14.13
C GLY A 204 12.20 0.83 -13.65
N LEU A 205 12.44 1.33 -12.43
CA LEU A 205 11.60 2.35 -11.81
C LEU A 205 12.39 3.64 -11.55
N ASN A 206 11.71 4.76 -11.36
CA ASN A 206 12.40 6.07 -11.26
C ASN A 206 12.52 6.55 -9.83
N GLU A 207 11.83 5.85 -8.92
CA GLU A 207 11.78 6.21 -7.50
C GLU A 207 12.34 5.12 -6.61
N VAL A 208 12.82 5.56 -5.45
CA VAL A 208 13.23 4.64 -4.39
C VAL A 208 12.57 5.05 -3.06
N GLY A 209 12.10 4.08 -2.30
CA GLY A 209 11.54 4.32 -0.97
C GLY A 209 12.64 4.38 0.08
N VAL A 210 12.83 5.54 0.71
CA VAL A 210 13.86 5.72 1.72
C VAL A 210 13.17 6.00 3.03
N MET A 211 13.80 5.60 4.14
CA MET A 211 13.25 5.85 5.45
C MET A 211 14.41 6.19 6.36
N LEU A 212 14.11 6.79 7.50
CA LEU A 212 15.16 7.05 8.50
C LEU A 212 14.99 6.12 9.69
N PRO A 213 16.07 5.93 10.48
CA PRO A 213 15.95 5.17 11.72
C PRO A 213 14.90 5.80 12.60
N ALA A 214 14.01 4.97 13.15
CA ALA A 214 12.94 5.50 14.01
C ALA A 214 12.76 4.75 15.30
N ASN A 215 13.57 3.75 15.58
CA ASN A 215 13.53 3.14 16.91
C ASN A 215 14.97 3.06 17.35
N PRO A 216 15.26 2.91 18.67
CA PRO A 216 16.67 3.00 19.10
C PRO A 216 17.61 2.01 18.49
N LEU A 217 17.14 0.79 18.23
CA LEU A 217 17.98 -0.24 17.64
C LEU A 217 18.42 0.21 16.26
N GLN A 218 17.50 0.81 15.50
CA GLN A 218 17.83 1.26 14.13
C GLN A 218 18.86 2.40 14.13
N HIS A 219 18.73 3.32 15.09
CA HIS A 219 19.71 4.39 15.30
C HIS A 219 21.12 3.83 15.65
N LEU A 220 21.19 2.92 16.62
CA LEU A 220 22.46 2.24 16.90
C LEU A 220 23.08 1.62 15.65
N LEU A 221 22.32 0.83 14.89
CA LEU A 221 22.81 0.24 13.63
C LEU A 221 23.30 1.25 12.59
N LEU A 222 22.47 2.21 12.20
CA LEU A 222 22.87 3.23 11.23
C LEU A 222 24.00 4.18 11.70
N GLN A 223 24.05 4.49 13.00
CA GLN A 223 25.16 5.30 13.56
C GLN A 223 26.47 4.55 13.32
N GLU A 224 26.43 3.24 13.52
CA GLU A 224 27.58 2.39 13.27
C GLU A 224 27.91 2.20 11.78
N LEU A 225 26.91 1.88 10.98
CA LEU A 225 27.16 1.45 9.61
C LEU A 225 27.43 2.58 8.68
N GLN A 226 26.76 3.72 8.91
CA GLN A 226 26.98 4.95 8.16
C GLN A 226 26.86 4.72 6.67
N CYS A 227 25.89 3.91 6.28
CA CYS A 227 25.67 3.62 4.89
C CYS A 227 24.21 3.21 4.73
N PRO A 228 23.67 3.29 3.50
CA PRO A 228 22.27 2.89 3.34
C PRO A 228 22.12 1.39 3.53
N LEU A 229 21.06 1.00 4.21
CA LEU A 229 20.71 -0.40 4.35
C LEU A 229 19.36 -0.75 3.71
N VAL A 230 19.31 -1.82 2.92
CA VAL A 230 18.02 -2.40 2.53
C VAL A 230 17.36 -2.69 3.86
N MET A 231 16.07 -2.37 3.97
CA MET A 231 15.33 -2.62 5.18
C MET A 231 13.94 -3.02 4.73
N THR A 232 13.80 -4.27 4.27
CA THR A 232 12.58 -4.75 3.69
C THR A 232 11.83 -5.73 4.60
N SER A 233 10.56 -5.93 4.33
CA SER A 233 9.72 -6.70 5.27
C SER A 233 10.20 -8.16 5.41
N GLY A 234 10.19 -8.63 6.66
CA GLY A 234 10.61 -9.96 6.99
C GLY A 234 9.45 -10.93 6.90
N ASN A 235 9.14 -11.31 5.68
CA ASN A 235 8.13 -12.31 5.46
C ASN A 235 8.44 -13.17 4.25
N LEU A 236 7.69 -14.26 4.15
CA LEU A 236 7.60 -15.16 3.00
C LEU A 236 6.42 -14.69 2.11
N SER A 237 6.61 -14.65 0.79
CA SER A 237 5.49 -14.33 -0.11
C SER A 237 4.33 -15.32 0.09
N GLY A 238 3.10 -14.82 0.13
CA GLY A 238 1.91 -15.68 0.41
C GLY A 238 1.61 -15.98 1.89
N LYS A 239 2.45 -15.46 2.79
CA LYS A 239 2.25 -15.62 4.23
C LYS A 239 2.17 -14.27 4.93
N PRO A 240 1.50 -14.26 6.10
CA PRO A 240 1.54 -13.10 6.97
C PRO A 240 2.98 -12.89 7.52
N PRO A 241 3.35 -11.64 7.74
CA PRO A 241 4.61 -11.33 8.39
C PRO A 241 4.70 -11.97 9.79
N ALA A 242 5.90 -12.39 10.17
CA ALA A 242 6.14 -12.84 11.54
C ALA A 242 6.09 -11.65 12.52
N ILE A 243 5.52 -11.90 13.70
CA ILE A 243 5.64 -10.93 14.79
C ILE A 243 6.27 -11.54 16.05
N SER A 244 6.41 -12.86 16.07
CA SER A 244 7.09 -13.56 17.15
C SER A 244 8.45 -14.03 16.67
N ASN A 245 9.40 -14.07 17.60
CA ASN A 245 10.73 -14.62 17.31
C ASN A 245 10.64 -16.00 16.65
N GLU A 246 9.81 -16.91 17.18
CA GLU A 246 9.77 -18.29 16.66
C GLU A 246 9.35 -18.30 15.21
N GLN A 247 8.38 -17.47 14.85
N GLN A 247 8.37 -17.51 14.82
CA GLN A 247 7.91 -17.43 13.46
CA GLN A 247 7.99 -17.49 13.42
C GLN A 247 8.92 -16.73 12.53
C GLN A 247 9.04 -16.81 12.54
N ALA A 248 9.64 -15.74 13.04
CA ALA A 248 10.74 -15.12 12.31
C ALA A 248 11.85 -16.17 12.01
N LEU A 249 12.34 -16.84 13.05
CA LEU A 249 13.33 -17.91 12.95
C LEU A 249 12.94 -19.00 11.95
N GLU A 250 11.66 -19.37 11.96
CA GLU A 250 11.12 -20.38 11.06
C GLU A 250 11.04 -19.88 9.60
N ASP A 251 10.39 -18.73 9.37
CA ASP A 251 10.10 -18.19 8.03
C ASP A 251 11.36 -17.78 7.30
N LEU A 252 12.35 -17.32 8.06
CA LEU A 252 13.44 -16.59 7.42
C LEU A 252 14.75 -17.33 7.37
N GLN A 253 14.74 -18.58 7.85
CA GLN A 253 15.96 -19.38 7.96
C GLN A 253 16.72 -19.62 6.65
N GLY A 254 15.99 -19.72 5.54
CA GLY A 254 16.70 -19.82 4.26
C GLY A 254 17.25 -18.50 3.76
N ILE A 255 16.76 -17.41 4.32
CA ILE A 255 17.02 -16.08 3.74
C ILE A 255 18.10 -15.34 4.50
N ALA A 256 17.94 -15.22 5.83
CA ALA A 256 18.82 -14.45 6.72
C ALA A 256 20.04 -15.27 7.12
N ASP A 257 21.22 -14.65 7.13
CA ASP A 257 22.47 -15.29 7.60
C ASP A 257 22.55 -15.26 9.14
N GLY A 258 21.81 -14.39 9.81
CA GLY A 258 21.81 -14.31 11.27
C GLY A 258 20.60 -13.47 11.68
N PHE A 259 20.27 -13.47 12.98
CA PHE A 259 19.05 -12.82 13.47
C PHE A 259 19.38 -11.96 14.64
N LEU A 260 19.06 -10.66 14.53
CA LEU A 260 19.11 -9.76 15.68
C LEU A 260 17.71 -9.58 16.25
N ILE A 261 17.38 -10.35 17.29
CA ILE A 261 16.05 -10.38 17.85
C ILE A 261 16.09 -9.91 19.31
N HIS A 262 14.96 -9.96 19.99
CA HIS A 262 14.93 -9.56 21.40
C HIS A 262 13.71 -10.13 22.08
N ASN A 263 13.58 -9.88 23.39
CA ASN A 263 12.48 -10.46 24.20
C ASN A 263 11.35 -9.51 24.62
N ARG A 264 11.17 -8.39 23.92
CA ARG A 264 9.90 -7.65 24.08
C ARG A 264 8.86 -8.11 23.04
N ASP A 265 7.69 -8.56 23.46
CA ASP A 265 6.73 -9.07 22.49
C ASP A 265 6.18 -7.95 21.56
N ILE A 266 5.90 -8.30 20.31
CA ILE A 266 5.10 -7.46 19.46
C ILE A 266 3.71 -8.11 19.50
N VAL A 267 2.64 -7.38 19.85
CA VAL A 267 1.33 -8.04 19.78
C VAL A 267 0.48 -7.73 18.54
N GLN A 268 0.85 -6.67 17.79
CA GLN A 268 0.08 -6.23 16.62
C GLN A 268 1.02 -6.12 15.44
N ARG A 269 0.62 -6.69 14.32
CA ARG A 269 1.31 -6.47 13.08
C ARG A 269 1.16 -4.99 12.69
N MET A 270 2.29 -4.34 12.40
CA MET A 270 2.26 -2.95 11.98
C MET A 270 3.36 -2.65 10.98
N ASP A 271 3.06 -2.77 9.70
CA ASP A 271 4.02 -2.44 8.64
C ASP A 271 4.43 -0.94 8.63
N ASP A 272 5.60 -0.64 8.09
CA ASP A 272 6.00 0.76 7.79
C ASP A 272 4.96 1.42 6.91
N SER A 273 4.66 2.70 7.16
CA SER A 273 3.79 3.44 6.24
C SER A 273 4.64 3.87 5.04
N VAL A 274 3.96 4.11 3.92
CA VAL A 274 4.61 4.48 2.65
C VAL A 274 3.87 5.68 2.05
N VAL A 275 4.57 6.79 1.88
CA VAL A 275 4.00 7.99 1.26
C VAL A 275 4.89 8.48 0.09
N ARG A 276 4.36 9.28 -0.81
CA ARG A 276 5.23 10.04 -1.71
C ARG A 276 5.70 11.33 -1.06
N GLU A 277 6.80 11.84 -1.59
CA GLU A 277 7.39 13.12 -1.20
C GLU A 277 6.34 14.21 -1.30
N SER A 278 5.46 14.10 -2.28
CA SER A 278 4.33 15.01 -2.45
C SER A 278 3.28 14.90 -1.31
N GLY A 279 3.38 13.87 -0.46
CA GLY A 279 2.45 13.68 0.66
C GLY A 279 1.36 12.66 0.40
N GLU A 280 1.25 12.23 -0.85
CA GLU A 280 0.31 11.19 -1.26
C GLU A 280 0.55 9.87 -0.51
N MET A 281 -0.52 9.35 0.11
CA MET A 281 -0.50 8.13 0.92
C MET A 281 -0.65 6.92 0.03
N LEU A 282 0.21 5.93 0.24
CA LEU A 282 0.15 4.68 -0.48
C LEU A 282 -0.21 3.53 0.47
N ARG A 283 0.38 3.56 1.67
CA ARG A 283 0.10 2.53 2.69
C ARG A 283 0.12 3.24 4.04
N ARG A 284 -1.01 3.12 4.74
CA ARG A 284 -1.23 3.80 5.99
C ARG A 284 -1.21 2.80 7.17
N SER A 285 -0.09 2.75 7.87
CA SER A 285 0.10 1.82 8.97
C SER A 285 0.80 2.48 10.17
N ARG A 286 2.02 2.00 10.50
CA ARG A 286 2.86 2.54 11.58
C ARG A 286 2.93 4.07 11.53
N GLY A 287 2.64 4.71 12.68
CA GLY A 287 2.66 6.16 12.80
C GLY A 287 1.36 6.84 12.56
N TYR A 288 0.41 6.16 11.93
CA TYR A 288 -0.90 6.73 11.68
C TYR A 288 -2.01 5.99 12.41
N VAL A 289 -1.92 4.67 12.44
CA VAL A 289 -2.87 3.86 13.21
C VAL A 289 -2.53 3.94 14.71
N PRO A 290 -3.54 4.09 15.59
CA PRO A 290 -4.98 4.15 15.40
C PRO A 290 -5.70 5.51 15.45
N ASP A 291 -5.15 6.52 14.80
CA ASP A 291 -5.80 7.84 14.73
C ASP A 291 -7.13 7.77 14.00
N ALA A 292 -8.15 8.40 14.58
CA ALA A 292 -9.50 8.48 14.03
C ALA A 292 -9.58 9.67 13.11
N LEU A 293 -10.54 9.62 12.19
CA LEU A 293 -10.76 10.68 11.26
C LEU A 293 -12.19 11.18 11.43
N ALA A 294 -12.38 12.46 11.20
CA ALA A 294 -13.69 13.08 11.22
C ALA A 294 -14.42 12.78 9.90
N LEU A 295 -15.67 12.33 9.99
CA LEU A 295 -16.54 12.18 8.82
C LEU A 295 -16.89 13.55 8.25
N PRO A 296 -17.40 13.60 7.00
CA PRO A 296 -17.76 14.85 6.33
C PRO A 296 -18.94 15.56 7.05
N PRO A 297 -19.15 16.86 6.74
CA PRO A 297 -20.31 17.55 7.34
C PRO A 297 -21.62 16.85 7.00
N GLY A 298 -22.54 16.88 7.95
CA GLY A 298 -23.82 16.20 7.79
C GLY A 298 -23.78 14.76 8.36
N PHE A 299 -22.60 14.18 8.63
CA PHE A 299 -22.54 12.82 9.21
C PHE A 299 -22.45 12.92 10.76
N LYS A 300 -23.45 12.43 11.49
CA LYS A 300 -23.57 12.66 12.94
C LYS A 300 -24.40 11.52 13.48
N ASN A 301 -24.15 11.09 14.71
CA ASN A 301 -25.01 10.08 15.37
C ASN A 301 -25.10 8.77 14.55
N VAL A 302 -24.05 8.44 13.80
CA VAL A 302 -24.01 7.20 13.01
C VAL A 302 -23.84 5.98 13.95
N PRO A 303 -24.62 4.90 13.71
CA PRO A 303 -24.52 3.72 14.53
C PRO A 303 -23.18 2.98 14.26
N PRO A 304 -22.71 2.14 15.21
CA PRO A 304 -21.48 1.39 15.02
C PRO A 304 -21.50 0.43 13.81
N VAL A 305 -20.71 0.76 12.79
CA VAL A 305 -20.66 -0.04 11.58
C VAL A 305 -19.25 -0.57 11.41
N LEU A 306 -19.12 -1.87 11.20
CA LEU A 306 -17.85 -2.48 10.82
C LEU A 306 -17.79 -2.65 9.27
N CYS A 307 -16.80 -2.05 8.63
CA CYS A 307 -16.65 -2.17 7.17
C CYS A 307 -15.44 -3.05 6.89
N LEU A 308 -15.61 -4.12 6.11
CA LEU A 308 -14.55 -5.12 5.95
C LEU A 308 -13.47 -4.81 4.92
N GLY A 309 -13.79 -3.90 4.00
CA GLY A 309 -12.84 -3.39 3.02
C GLY A 309 -12.82 -4.38 1.87
N ALA A 310 -11.68 -4.55 1.21
CA ALA A 310 -11.67 -5.58 0.14
C ALA A 310 -10.55 -6.61 0.36
N ASP A 311 -10.45 -7.52 -0.58
CA ASP A 311 -9.63 -8.68 -0.35
C ASP A 311 -8.14 -8.44 -0.45
N LEU A 312 -7.73 -7.40 -1.19
CA LEU A 312 -6.32 -7.08 -1.36
C LEU A 312 -6.00 -5.81 -0.61
N LYS A 313 -4.76 -5.66 -0.15
CA LYS A 313 -4.31 -4.46 0.55
C LYS A 313 -5.33 -4.05 1.63
N ASN A 314 -5.82 -5.06 2.34
CA ASN A 314 -6.97 -4.88 3.20
C ASN A 314 -6.73 -3.90 4.34
N THR A 315 -7.73 -3.06 4.60
CA THR A 315 -7.90 -2.39 5.89
C THR A 315 -9.39 -2.54 6.24
N PHE A 316 -9.72 -2.63 7.52
CA PHE A 316 -11.12 -2.50 7.91
C PHE A 316 -11.32 -1.10 8.48
N CYS A 317 -12.57 -0.78 8.74
CA CYS A 317 -12.91 0.54 9.25
C CYS A 317 -14.04 0.42 10.30
N LEU A 318 -13.94 1.16 11.41
CA LEU A 318 -14.97 1.25 12.45
C LEU A 318 -15.59 2.65 12.31
N VAL A 319 -16.89 2.73 12.04
CA VAL A 319 -17.60 4.00 11.85
C VAL A 319 -18.60 4.16 13.01
N ARG A 320 -18.65 5.32 13.66
CA ARG A 320 -19.61 5.56 14.77
C ARG A 320 -19.63 7.05 15.06
N GLY A 321 -20.82 7.62 15.31
CA GLY A 321 -20.93 9.02 15.79
C GLY A 321 -20.64 9.92 14.61
N GLU A 322 -19.51 10.64 14.67
CA GLU A 322 -19.09 11.49 13.55
C GLU A 322 -17.64 11.19 13.18
N GLN A 323 -17.19 9.95 13.46
CA GLN A 323 -15.80 9.59 13.19
C GLN A 323 -15.67 8.20 12.63
N VAL A 324 -14.50 7.94 12.05
CA VAL A 324 -14.18 6.62 11.47
C VAL A 324 -12.76 6.29 11.87
N VAL A 325 -12.48 5.04 12.18
CA VAL A 325 -11.11 4.70 12.37
C VAL A 325 -10.74 3.48 11.49
N LEU A 326 -9.67 3.64 10.71
CA LEU A 326 -9.21 2.59 9.80
C LEU A 326 -8.16 1.75 10.50
N SER A 327 -8.12 0.46 10.22
CA SER A 327 -7.02 -0.38 10.69
C SER A 327 -5.72 -0.13 9.88
N GLN A 328 -4.61 -0.66 10.38
CA GLN A 328 -3.38 -0.80 9.61
C GLN A 328 -3.61 -1.68 8.40
N HIS A 329 -2.72 -1.55 7.42
CA HIS A 329 -2.63 -2.47 6.33
C HIS A 329 -2.53 -3.94 6.82
N LEU A 330 -3.39 -4.82 6.31
CA LEU A 330 -3.43 -6.23 6.73
C LEU A 330 -3.26 -7.16 5.55
N GLY A 331 -3.01 -6.63 4.38
CA GLY A 331 -2.58 -7.46 3.28
C GLY A 331 -3.73 -8.13 2.55
N ASP A 332 -3.37 -9.22 1.85
CA ASP A 332 -4.22 -9.98 0.99
C ASP A 332 -4.95 -10.97 1.88
N LEU A 333 -6.28 -10.90 1.91
CA LEU A 333 -7.07 -11.74 2.84
C LEU A 333 -7.09 -13.22 2.47
N SER A 334 -6.70 -13.53 1.24
CA SER A 334 -6.63 -14.91 0.78
C SER A 334 -5.36 -15.64 1.28
N ASP A 335 -4.41 -14.91 1.83
CA ASP A 335 -3.19 -15.53 2.29
C ASP A 335 -3.39 -16.40 3.56
N ASP A 336 -2.50 -17.39 3.70
CA ASP A 336 -2.55 -18.47 4.71
C ASP A 336 -2.41 -17.90 6.12
N GLY A 337 -3.48 -18.02 6.90
CA GLY A 337 -3.48 -17.58 8.30
C GLY A 337 -3.50 -16.08 8.57
N ILE A 338 -3.85 -15.26 7.59
CA ILE A 338 -3.92 -13.79 7.76
C ILE A 338 -5.10 -13.39 8.71
N GLN A 339 -6.12 -14.27 8.82
CA GLN A 339 -7.26 -14.00 9.70
C GLN A 339 -6.81 -13.79 11.16
N THR A 340 -5.76 -14.50 11.60
CA THR A 340 -5.26 -14.29 12.98
C THR A 340 -4.88 -12.84 13.25
N GLN A 341 -4.05 -12.27 12.41
CA GLN A 341 -3.65 -10.87 12.57
C GLN A 341 -4.77 -9.86 12.38
N TRP A 342 -5.61 -10.09 11.39
CA TRP A 342 -6.83 -9.30 11.14
C TRP A 342 -7.66 -9.32 12.40
N ARG A 343 -7.96 -10.51 12.94
CA ARG A 343 -8.74 -10.60 14.17
C ARG A 343 -8.15 -9.91 15.42
N GLU A 344 -6.84 -10.04 15.60
CA GLU A 344 -6.18 -9.41 16.74
C GLU A 344 -6.24 -7.89 16.61
N ALA A 345 -6.14 -7.40 15.38
CA ALA A 345 -6.25 -5.97 15.11
C ALA A 345 -7.69 -5.48 15.36
N LEU A 346 -8.68 -6.21 14.88
CA LEU A 346 -10.07 -5.90 15.21
C LEU A 346 -10.31 -5.89 16.77
N ARG A 347 -9.75 -6.86 17.47
CA ARG A 347 -10.04 -6.99 18.92
C ARG A 347 -9.53 -5.74 19.64
N LEU A 348 -8.28 -5.39 19.39
CA LEU A 348 -7.66 -4.27 20.11
C LEU A 348 -8.36 -2.94 19.70
N MET A 349 -8.65 -2.75 18.41
CA MET A 349 -9.29 -1.55 17.94
C MET A 349 -10.67 -1.39 18.59
N GLN A 350 -11.44 -2.49 18.66
CA GLN A 350 -12.73 -2.45 19.34
C GLN A 350 -12.55 -2.16 20.83
N ASN A 351 -11.51 -2.75 21.44
CA ASN A 351 -11.22 -2.49 22.85
C ASN A 351 -10.87 -1.02 23.07
N ILE A 352 -9.93 -0.50 22.28
CA ILE A 352 -9.56 0.91 22.36
C ILE A 352 -10.76 1.89 22.28
N TYR A 353 -11.64 1.71 21.32
CA TYR A 353 -12.76 2.64 21.10
C TYR A 353 -14.07 2.18 21.76
N ASN A 354 -14.01 1.11 22.59
CA ASN A 354 -15.20 0.60 23.25
C ASN A 354 -16.36 0.37 22.25
N PHE A 355 -16.02 -0.32 21.16
CA PHE A 355 -16.85 -0.39 19.96
C PHE A 355 -17.42 -1.79 19.78
N THR A 356 -18.74 -1.88 19.63
CA THR A 356 -19.43 -3.11 19.30
C THR A 356 -20.30 -2.85 18.07
N PRO A 357 -20.03 -3.54 16.96
CA PRO A 357 -20.78 -3.14 15.77
C PRO A 357 -22.20 -3.62 15.83
N GLN A 358 -23.08 -2.91 15.16
CA GLN A 358 -24.46 -3.26 15.02
C GLN A 358 -24.75 -3.69 13.57
N TYR A 359 -23.86 -3.28 12.67
CA TYR A 359 -23.99 -3.51 11.24
C TYR A 359 -22.62 -3.88 10.65
N VAL A 360 -22.63 -4.73 9.63
CA VAL A 360 -21.42 -4.99 8.81
C VAL A 360 -21.67 -4.65 7.34
N VAL A 361 -20.69 -3.98 6.73
CA VAL A 361 -20.72 -3.66 5.33
C VAL A 361 -19.52 -4.35 4.65
N HIS A 362 -19.75 -4.94 3.48
CA HIS A 362 -18.67 -5.65 2.78
C HIS A 362 -18.89 -5.48 1.29
N ASP A 363 -17.96 -6.02 0.49
CA ASP A 363 -17.99 -5.79 -0.97
C ASP A 363 -19.12 -6.57 -1.62
N ALA A 364 -19.60 -6.14 -2.78
CA ALA A 364 -20.62 -6.92 -3.50
C ALA A 364 -20.12 -8.19 -4.20
N HIS A 365 -18.82 -8.36 -4.38
CA HIS A 365 -18.28 -9.62 -4.97
C HIS A 365 -18.57 -10.81 -4.04
N PRO A 366 -19.39 -11.80 -4.48
CA PRO A 366 -19.75 -12.85 -3.49
C PRO A 366 -18.62 -13.89 -3.27
N GLY A 367 -17.60 -13.81 -4.11
CA GLY A 367 -16.45 -14.71 -4.06
C GLY A 367 -15.34 -14.30 -3.10
N TYR A 368 -15.42 -13.09 -2.54
CA TYR A 368 -14.41 -12.57 -1.60
C TYR A 368 -14.39 -13.29 -0.25
N VAL A 369 -13.19 -13.51 0.25
CA VAL A 369 -12.93 -13.99 1.61
C VAL A 369 -13.63 -13.11 2.66
N SER A 370 -13.54 -11.79 2.50
CA SER A 370 -14.17 -10.82 3.39
C SER A 370 -15.68 -11.05 3.49
N CYS A 371 -16.33 -11.38 2.38
CA CYS A 371 -17.76 -11.75 2.37
C CYS A 371 -18.08 -13.04 3.13
N GLN A 372 -17.15 -13.98 3.07
CA GLN A 372 -17.31 -15.17 3.86
C GLN A 372 -17.16 -14.82 5.33
N TRP A 373 -16.14 -14.04 5.68
CA TRP A 373 -16.03 -13.62 7.09
C TRP A 373 -17.25 -12.86 7.64
N ALA A 374 -17.89 -11.98 6.84
CA ALA A 374 -19.11 -11.22 7.23
C ALA A 374 -20.28 -12.12 7.61
N SER A 375 -20.40 -13.22 6.92
CA SER A 375 -21.49 -14.15 7.20
C SER A 375 -21.32 -14.90 8.52
N GLU A 376 -20.16 -14.79 9.16
CA GLU A 376 -19.94 -15.47 10.41
C GLU A 376 -20.26 -14.62 11.64
N MET A 377 -20.80 -13.43 11.43
CA MET A 377 -20.86 -12.39 12.46
C MET A 377 -22.21 -12.20 13.14
N ASN A 378 -23.28 -12.74 12.57
CA ASN A 378 -24.57 -12.59 13.29
C ASN A 378 -25.03 -11.14 13.43
N LEU A 379 -24.79 -10.33 12.40
CA LEU A 379 -25.24 -8.93 12.34
C LEU A 379 -25.93 -8.70 11.00
N PRO A 380 -26.82 -7.70 10.92
CA PRO A 380 -27.25 -7.29 9.58
C PRO A 380 -26.04 -6.89 8.68
N THR A 381 -26.04 -7.44 7.47
CA THR A 381 -24.97 -7.20 6.52
C THR A 381 -25.58 -6.48 5.36
N GLN A 382 -24.71 -5.69 4.72
CA GLN A 382 -25.05 -5.05 3.53
C GLN A 382 -23.80 -4.91 2.62
N THR A 383 -24.08 -4.62 1.37
CA THR A 383 -23.12 -4.73 0.31
C THR A 383 -22.99 -3.32 -0.33
N VAL A 384 -21.81 -3.03 -0.87
CA VAL A 384 -21.48 -1.78 -1.55
C VAL A 384 -20.60 -2.20 -2.77
N LEU A 385 -20.92 -1.66 -3.94
CA LEU A 385 -20.09 -1.92 -5.13
C LEU A 385 -18.71 -1.35 -4.92
N HIS A 386 -17.70 -2.12 -5.29
CA HIS A 386 -16.28 -1.75 -5.18
C HIS A 386 -15.94 -0.30 -5.64
N HIS A 387 -16.39 0.08 -6.84
CA HIS A 387 -16.06 1.38 -7.43
C HIS A 387 -16.89 2.52 -6.85
N HIS A 388 -18.11 2.22 -6.40
CA HIS A 388 -18.88 3.18 -5.62
C HIS A 388 -18.05 3.53 -4.37
N ALA A 389 -17.52 2.54 -3.65
CA ALA A 389 -16.70 2.82 -2.45
C ALA A 389 -15.39 3.55 -2.74
N HIS A 390 -14.72 3.27 -3.83
CA HIS A 390 -13.54 4.08 -4.17
C HIS A 390 -13.91 5.54 -4.30
N ALA A 391 -14.98 5.83 -5.03
CA ALA A 391 -15.38 7.20 -5.34
C ALA A 391 -15.79 7.90 -4.04
N ALA A 392 -16.55 7.19 -3.20
CA ALA A 392 -17.00 7.75 -1.92
C ALA A 392 -15.88 8.00 -0.95
N ALA A 393 -14.82 7.19 -0.96
CA ALA A 393 -13.67 7.40 -0.05
C ALA A 393 -13.00 8.71 -0.43
N CYS A 394 -12.94 8.96 -1.74
CA CYS A 394 -12.33 10.19 -2.24
C CYS A 394 -13.22 11.42 -1.92
N LEU A 395 -14.54 11.36 -2.17
CA LEU A 395 -15.46 12.40 -1.66
C LEU A 395 -15.29 12.63 -0.13
N ALA A 396 -15.25 11.56 0.68
CA ALA A 396 -15.18 11.71 2.15
C ALA A 396 -13.91 12.44 2.53
N GLU A 397 -12.82 12.06 1.87
CA GLU A 397 -11.52 12.65 2.14
C GLU A 397 -11.52 14.15 1.81
N HIS A 398 -12.27 14.54 0.79
CA HIS A 398 -12.39 15.97 0.48
C HIS A 398 -13.54 16.70 1.23
N GLN A 399 -14.16 16.01 2.21
CA GLN A 399 -15.14 16.59 3.10
C GLN A 399 -16.39 17.02 2.30
N TRP A 400 -16.70 16.29 1.23
CA TRP A 400 -17.92 16.51 0.50
C TRP A 400 -19.09 16.22 1.48
N PRO A 401 -20.00 17.21 1.70
CA PRO A 401 -21.14 17.07 2.64
C PRO A 401 -22.13 16.00 2.25
N LEU A 402 -22.82 15.50 3.25
CA LEU A 402 -23.83 14.48 3.05
C LEU A 402 -24.79 14.81 1.91
N ASP A 403 -25.24 16.06 1.87
CA ASP A 403 -26.17 16.59 0.88
C ASP A 403 -25.45 17.35 -0.26
N GLY A 404 -24.16 17.13 -0.42
CA GLY A 404 -23.39 17.90 -1.35
C GLY A 404 -23.75 17.89 -2.83
N GLY A 405 -24.49 16.91 -3.29
CA GLY A 405 -24.78 16.88 -4.75
C GLY A 405 -24.01 15.77 -5.48
N ASP A 406 -24.40 15.48 -6.72
CA ASP A 406 -23.79 14.38 -7.49
C ASP A 406 -22.46 14.87 -8.02
N VAL A 407 -21.57 13.93 -8.24
CA VAL A 407 -20.34 14.19 -8.99
C VAL A 407 -20.30 13.15 -10.12
N ILE A 408 -19.41 13.38 -11.08
CA ILE A 408 -18.98 12.38 -12.01
C ILE A 408 -17.63 11.82 -11.55
N ALA A 409 -17.61 10.51 -11.45
CA ALA A 409 -16.45 9.75 -10.97
C ALA A 409 -15.84 8.90 -12.10
N LEU A 410 -14.51 8.90 -12.11
CA LEU A 410 -13.67 8.01 -12.91
C LEU A 410 -12.97 7.07 -11.96
N THR A 411 -13.29 5.80 -12.07
CA THR A 411 -12.71 4.83 -11.16
C THR A 411 -11.94 3.85 -12.05
N LEU A 412 -10.61 3.89 -11.93
CA LEU A 412 -9.64 3.11 -12.72
C LEU A 412 -8.88 2.15 -11.80
N ASP A 413 -9.06 0.83 -11.97
CA ASP A 413 -8.24 -0.15 -11.23
C ASP A 413 -8.05 -1.41 -12.07
N GLY A 414 -7.67 -2.48 -11.39
CA GLY A 414 -7.50 -3.76 -12.05
C GLY A 414 -8.89 -4.36 -12.26
N ILE A 415 -9.46 -4.94 -11.22
CA ILE A 415 -10.80 -5.55 -11.35
C ILE A 415 -11.61 -5.43 -10.05
N GLY A 416 -12.85 -5.00 -10.18
CA GLY A 416 -13.82 -5.04 -9.09
C GLY A 416 -15.14 -5.50 -9.65
N MET A 417 -15.93 -6.13 -8.82
CA MET A 417 -17.26 -6.52 -9.22
C MET A 417 -18.21 -5.34 -9.32
N GLY A 418 -18.84 -5.18 -10.48
CA GLY A 418 -19.78 -4.09 -10.69
C GLY A 418 -21.21 -4.61 -10.71
N GLU A 419 -22.12 -3.83 -11.30
CA GLU A 419 -23.53 -4.17 -11.28
C GLU A 419 -23.79 -5.39 -12.11
N ASN A 420 -24.71 -6.20 -11.63
CA ASN A 420 -25.16 -7.41 -12.29
C ASN A 420 -24.08 -8.43 -12.61
N GLY A 421 -23.07 -8.54 -11.75
CA GLY A 421 -22.01 -9.52 -11.94
C GLY A 421 -20.95 -9.10 -12.98
N ALA A 422 -20.96 -7.85 -13.44
CA ALA A 422 -19.96 -7.43 -14.45
C ALA A 422 -18.66 -7.13 -13.73
N LEU A 423 -17.52 -7.30 -14.41
CA LEU A 423 -16.21 -6.94 -13.90
C LEU A 423 -15.80 -5.60 -14.44
N TRP A 424 -15.71 -4.63 -13.54
CA TRP A 424 -15.40 -3.23 -13.87
C TRP A 424 -13.94 -2.92 -13.55
N GLY A 425 -13.41 -1.83 -14.11
CA GLY A 425 -12.08 -1.38 -13.74
C GLY A 425 -11.70 -0.16 -14.53
N GLY A 426 -12.66 0.42 -15.24
CA GLY A 426 -12.35 1.57 -16.11
C GLY A 426 -13.63 2.32 -16.47
N GLU A 427 -14.28 2.92 -15.45
CA GLU A 427 -15.68 3.36 -15.56
C GLU A 427 -15.91 4.82 -15.26
N CYS A 428 -16.86 5.40 -15.97
N CYS A 428 -16.82 5.44 -16.01
CA CYS A 428 -17.40 6.70 -15.66
CA CYS A 428 -17.40 6.72 -15.61
C CYS A 428 -18.78 6.51 -14.97
C CYS A 428 -18.72 6.44 -14.91
N LEU A 429 -18.96 7.13 -13.81
CA LEU A 429 -20.10 6.89 -12.93
C LEU A 429 -20.67 8.24 -12.47
N ARG A 430 -21.98 8.34 -12.32
CA ARG A 430 -22.60 9.43 -11.57
C ARG A 430 -22.75 8.93 -10.13
N VAL A 431 -22.19 9.66 -9.18
CA VAL A 431 -22.00 9.12 -7.84
C VAL A 431 -22.47 10.15 -6.82
N ASN A 432 -23.17 9.67 -5.80
CA ASN A 432 -23.29 10.40 -4.54
C ASN A 432 -23.12 9.33 -3.45
N TYR A 433 -23.28 9.71 -2.19
CA TYR A 433 -22.99 8.80 -1.10
C TYR A 433 -24.01 7.66 -1.02
N ARG A 434 -25.18 7.80 -1.65
CA ARG A 434 -26.19 6.72 -1.71
C ARG A 434 -26.31 5.99 -3.05
N GLU A 435 -26.00 6.65 -4.15
CA GLU A 435 -26.27 6.10 -5.49
C GLU A 435 -24.98 6.03 -6.30
N CYS A 436 -24.96 5.07 -7.22
CA CYS A 436 -23.90 4.91 -8.19
C CYS A 436 -24.58 4.51 -9.48
N GLU A 437 -24.51 5.35 -10.51
CA GLU A 437 -25.09 4.99 -11.81
C GLU A 437 -23.95 4.89 -12.78
N HIS A 438 -23.85 3.75 -13.46
CA HIS A 438 -22.79 3.52 -14.43
C HIS A 438 -23.09 4.25 -15.76
N LEU A 439 -22.15 5.11 -16.21
CA LEU A 439 -22.37 5.88 -17.44
C LEU A 439 -21.58 5.45 -18.68
N GLY A 440 -20.44 4.78 -18.51
CA GLY A 440 -19.64 4.33 -19.63
C GLY A 440 -18.18 4.11 -19.25
N GLY A 441 -17.27 4.07 -20.22
CA GLY A 441 -15.87 3.77 -19.90
C GLY A 441 -15.19 2.83 -20.89
N LEU A 442 -14.22 2.04 -20.43
CA LEU A 442 -13.60 1.11 -21.32
C LEU A 442 -14.58 0.00 -21.79
N PRO A 443 -14.41 -0.47 -23.03
CA PRO A 443 -15.10 -1.71 -23.41
C PRO A 443 -14.61 -2.92 -22.61
N ALA A 444 -15.51 -3.84 -22.29
CA ALA A 444 -15.17 -5.07 -21.55
C ALA A 444 -14.49 -6.07 -22.46
N VAL A 445 -13.32 -6.52 -22.02
CA VAL A 445 -12.47 -7.39 -22.85
C VAL A 445 -12.09 -8.57 -22.00
N ALA A 446 -12.12 -9.76 -22.65
CA ALA A 446 -11.79 -11.04 -22.04
C ALA A 446 -10.50 -10.99 -21.22
N LEU A 447 -10.54 -11.63 -20.07
CA LEU A 447 -9.33 -11.97 -19.31
C LEU A 447 -8.96 -13.45 -19.62
N PRO A 448 -8.08 -13.69 -20.62
CA PRO A 448 -7.83 -15.09 -21.04
C PRO A 448 -7.07 -15.90 -20.00
N GLY A 449 -7.70 -16.90 -19.41
CA GLY A 449 -7.01 -17.67 -18.38
C GLY A 449 -7.31 -17.13 -17.00
N GLY A 450 -8.31 -16.23 -16.91
CA GLY A 450 -8.80 -15.70 -15.64
C GLY A 450 -7.72 -15.05 -14.80
N ASP A 451 -7.33 -15.71 -13.71
CA ASP A 451 -6.34 -15.14 -12.81
C ASP A 451 -4.95 -15.01 -13.50
N LEU A 452 -4.69 -15.82 -14.52
CA LEU A 452 -3.46 -15.69 -15.31
C LEU A 452 -3.32 -14.37 -16.05
N ALA A 453 -4.43 -13.69 -16.35
CA ALA A 453 -4.40 -12.46 -17.15
C ALA A 453 -3.67 -11.34 -16.39
N ALA A 454 -3.75 -11.35 -15.06
CA ALA A 454 -3.02 -10.40 -14.26
C ALA A 454 -1.53 -10.68 -14.16
N LYS A 455 -1.09 -11.91 -14.45
CA LYS A 455 0.32 -12.30 -14.31
C LYS A 455 1.16 -12.31 -15.59
N GLN A 456 0.47 -12.33 -16.74
CA GLN A 456 1.12 -12.47 -18.02
C GLN A 456 0.45 -11.51 -18.98
N PRO A 457 1.04 -10.30 -19.10
CA PRO A 457 0.51 -9.17 -19.87
C PRO A 457 0.18 -9.49 -21.35
N TRP A 458 0.92 -10.41 -21.97
CA TRP A 458 0.66 -10.78 -23.35
C TRP A 458 -0.76 -11.31 -23.52
N ARG A 459 -1.35 -11.90 -22.50
CA ARG A 459 -2.75 -12.40 -22.58
C ARG A 459 -3.72 -11.24 -22.90
N ASN A 460 -3.49 -10.11 -22.25
CA ASN A 460 -4.33 -8.93 -22.46
C ASN A 460 -4.09 -8.32 -23.82
N LEU A 461 -2.84 -8.34 -24.29
CA LEU A 461 -2.55 -7.90 -25.68
C LEU A 461 -3.27 -8.80 -26.69
N LEU A 462 -3.19 -10.12 -26.50
CA LEU A 462 -3.92 -11.06 -27.39
C LEU A 462 -5.43 -10.75 -27.35
N ALA A 463 -5.98 -10.59 -26.16
CA ALA A 463 -7.43 -10.31 -26.02
C ALA A 463 -7.84 -9.03 -26.78
N GLN A 464 -7.02 -7.98 -26.68
CA GLN A 464 -7.25 -6.72 -27.38
C GLN A 464 -7.11 -6.87 -28.90
N CYS A 465 -6.04 -7.53 -29.36
CA CYS A 465 -5.84 -7.82 -30.78
C CYS A 465 -6.97 -8.60 -31.41
N LEU A 466 -7.44 -9.66 -30.76
CA LEU A 466 -8.51 -10.50 -31.31
C LEU A 466 -9.78 -9.70 -31.57
N ARG A 467 -10.10 -8.79 -30.62
CA ARG A 467 -11.31 -7.96 -30.68
C ARG A 467 -11.13 -6.76 -31.64
N PHE A 468 -9.96 -6.16 -31.68
CA PHE A 468 -9.83 -4.78 -32.24
C PHE A 468 -8.76 -4.58 -33.32
N VAL A 469 -7.90 -5.56 -33.58
CA VAL A 469 -6.75 -5.23 -34.45
C VAL A 469 -6.70 -6.19 -35.67
N PRO A 470 -7.21 -5.76 -36.84
CA PRO A 470 -7.16 -6.66 -38.02
C PRO A 470 -5.70 -7.00 -38.37
N GLU A 471 -5.42 -8.26 -38.71
N GLU A 471 -5.46 -8.27 -38.71
CA GLU A 471 -4.05 -8.65 -39.12
CA GLU A 471 -4.13 -8.77 -39.10
C GLU A 471 -3.04 -8.41 -38.01
C GLU A 471 -3.08 -8.41 -38.03
N TRP A 472 -3.45 -8.61 -36.76
CA TRP A 472 -2.59 -8.34 -35.61
C TRP A 472 -1.24 -9.09 -35.66
N GLN A 473 -1.22 -10.22 -36.38
CA GLN A 473 -0.03 -11.10 -36.41
C GLN A 473 1.12 -10.50 -37.19
N ASN A 474 0.80 -9.53 -38.05
CA ASN A 474 1.76 -8.81 -38.87
C ASN A 474 2.59 -7.72 -38.15
N TYR A 475 2.13 -7.26 -37.00
CA TYR A 475 2.83 -6.21 -36.24
C TYR A 475 4.02 -6.80 -35.49
N PRO A 476 5.17 -6.13 -35.51
CA PRO A 476 6.26 -6.69 -34.68
C PRO A 476 5.95 -6.67 -33.17
N GLU A 477 5.06 -5.77 -32.70
CA GLU A 477 4.66 -5.72 -31.26
C GLU A 477 4.05 -7.05 -30.76
N THR A 478 3.48 -7.82 -31.70
CA THR A 478 2.76 -9.04 -31.31
C THR A 478 3.50 -10.33 -31.60
N ALA A 479 4.80 -10.24 -31.94
CA ALA A 479 5.56 -11.36 -32.44
C ALA A 479 5.60 -12.60 -31.52
N SER A 480 5.89 -12.42 -30.23
CA SER A 480 6.00 -13.62 -29.35
C SER A 480 4.63 -14.32 -29.22
N VAL A 481 3.58 -13.52 -29.02
CA VAL A 481 2.19 -14.01 -29.09
C VAL A 481 1.89 -14.77 -30.37
N ALA A 482 2.24 -14.15 -31.51
CA ALA A 482 1.97 -14.72 -32.83
C ALA A 482 2.67 -16.07 -33.03
N ALA A 483 3.81 -16.25 -32.38
CA ALA A 483 4.69 -17.42 -32.63
C ALA A 483 4.24 -18.63 -31.77
N ALA A 484 3.54 -18.33 -30.67
CA ALA A 484 2.84 -19.34 -29.86
C ALA A 484 1.63 -20.00 -30.63
N ASN A 485 1.11 -21.11 -30.11
CA ASN A 485 -0.17 -21.66 -30.58
C ASN A 485 -1.31 -20.97 -29.81
N TRP A 486 -1.46 -19.66 -30.04
CA TRP A 486 -2.40 -18.77 -29.35
C TRP A 486 -3.83 -19.12 -29.74
N SER A 487 -3.99 -19.94 -30.79
CA SER A 487 -5.33 -20.25 -31.24
C SER A 487 -6.10 -21.15 -30.31
N VAL A 488 -5.40 -21.93 -29.47
CA VAL A 488 -6.10 -22.69 -28.40
C VAL A 488 -6.77 -21.73 -27.41
N LEU A 489 -6.00 -20.75 -26.96
CA LEU A 489 -6.50 -19.64 -26.10
C LEU A 489 -7.62 -18.83 -26.78
N ALA A 490 -7.43 -18.46 -28.07
CA ALA A 490 -8.48 -17.77 -28.85
C ALA A 490 -9.78 -18.55 -28.81
N ARG A 491 -9.70 -19.86 -28.94
CA ARG A 491 -10.91 -20.72 -28.88
C ARG A 491 -11.55 -20.73 -27.49
N ALA A 492 -10.75 -20.86 -26.44
CA ALA A 492 -11.27 -20.70 -25.10
C ALA A 492 -12.00 -19.35 -24.94
N ILE A 493 -11.36 -18.29 -25.43
CA ILE A 493 -11.95 -16.94 -25.36
C ILE A 493 -13.33 -16.86 -26.04
N GLU A 494 -13.47 -17.37 -27.27
CA GLU A 494 -14.74 -17.33 -28.01
C GLU A 494 -15.79 -18.05 -27.24
N ARG A 495 -15.40 -19.17 -26.60
CA ARG A 495 -16.36 -20.03 -25.91
C ARG A 495 -16.66 -19.61 -24.50
N GLY A 496 -16.01 -18.55 -24.02
CA GLY A 496 -16.28 -18.10 -22.64
C GLY A 496 -15.75 -19.08 -21.58
N ILE A 497 -14.65 -19.76 -21.88
CA ILE A 497 -14.04 -20.73 -20.93
C ILE A 497 -12.91 -20.08 -20.14
N ASN A 498 -13.12 -19.80 -18.87
CA ASN A 498 -12.13 -19.07 -18.03
C ASN A 498 -11.58 -17.81 -18.76
N ALA A 499 -12.51 -16.97 -19.24
CA ALA A 499 -12.18 -15.80 -20.04
C ALA A 499 -13.28 -14.76 -19.84
N PRO A 500 -13.54 -14.38 -18.55
CA PRO A 500 -14.61 -13.43 -18.29
C PRO A 500 -14.25 -12.04 -18.88
N LEU A 501 -15.25 -11.32 -19.36
CA LEU A 501 -15.07 -9.93 -19.86
C LEU A 501 -14.90 -8.94 -18.70
N ALA A 502 -13.90 -8.06 -18.84
CA ALA A 502 -13.62 -7.02 -17.85
C ALA A 502 -13.24 -5.72 -18.57
N SER A 503 -13.83 -4.58 -18.16
CA SER A 503 -13.43 -3.29 -18.71
C SER A 503 -12.33 -2.71 -17.82
N SER A 504 -11.18 -3.36 -17.79
CA SER A 504 -10.17 -3.07 -16.79
C SER A 504 -9.12 -2.14 -17.37
N CYS A 505 -8.94 -1.00 -16.70
CA CYS A 505 -7.86 -0.10 -17.02
C CYS A 505 -6.49 -0.71 -16.77
N GLY A 506 -6.34 -1.56 -15.73
CA GLY A 506 -5.08 -2.15 -15.40
C GLY A 506 -4.62 -3.16 -16.43
N ARG A 507 -5.59 -3.93 -16.97
CA ARG A 507 -5.27 -4.89 -18.01
C ARG A 507 -4.94 -4.21 -19.34
N LEU A 508 -5.51 -3.05 -19.61
CA LEU A 508 -5.14 -2.28 -20.81
C LEU A 508 -3.70 -1.77 -20.73
N PHE A 509 -3.30 -1.21 -19.57
CA PHE A 509 -1.88 -0.91 -19.31
C PHE A 509 -1.00 -2.12 -19.60
N ASP A 510 -1.43 -3.31 -19.15
CA ASP A 510 -0.64 -4.54 -19.29
C ASP A 510 -0.47 -4.87 -20.76
N ALA A 511 -1.55 -4.71 -21.54
CA ALA A 511 -1.57 -5.00 -22.96
C ALA A 511 -0.58 -4.09 -23.69
N VAL A 512 -0.59 -2.79 -23.35
CA VAL A 512 0.39 -1.83 -23.92
C VAL A 512 1.81 -2.13 -23.49
N ALA A 513 2.03 -2.42 -22.21
CA ALA A 513 3.35 -2.87 -21.75
C ALA A 513 3.81 -4.15 -22.48
N ALA A 514 2.92 -5.10 -22.75
CA ALA A 514 3.31 -6.31 -23.51
C ALA A 514 3.77 -5.92 -24.91
N ALA A 515 2.98 -5.07 -25.57
CA ALA A 515 3.33 -4.58 -26.91
C ALA A 515 4.65 -3.81 -26.96
N LEU A 516 5.02 -3.09 -25.91
CA LEU A 516 6.32 -2.38 -25.88
C LEU A 516 7.48 -3.23 -25.40
N GLY A 517 7.19 -4.40 -24.82
CA GLY A 517 8.25 -5.28 -24.27
C GLY A 517 8.96 -4.75 -23.02
N CYS A 518 8.26 -3.95 -22.20
CA CYS A 518 8.93 -3.29 -21.07
C CYS A 518 8.70 -3.91 -19.67
N ALA A 519 8.18 -5.13 -19.62
CA ALA A 519 8.24 -5.97 -18.40
C ALA A 519 8.56 -7.43 -18.75
N PRO A 520 8.95 -8.24 -17.75
CA PRO A 520 9.13 -9.64 -18.18
C PRO A 520 7.79 -10.25 -18.67
N ALA A 521 7.88 -11.31 -19.45
CA ALA A 521 6.72 -12.03 -20.03
C ALA A 521 5.75 -12.54 -18.97
N THR A 522 6.29 -13.09 -17.87
CA THR A 522 5.50 -13.38 -16.65
C THR A 522 6.01 -12.44 -15.55
N LEU A 523 5.09 -11.81 -14.82
CA LEU A 523 5.41 -10.86 -13.78
C LEU A 523 5.59 -11.53 -12.43
N SER A 524 6.29 -10.84 -11.52
CA SER A 524 6.60 -11.38 -10.18
C SER A 524 5.81 -10.68 -9.15
N TYR A 525 5.12 -9.62 -9.54
CA TYR A 525 4.25 -8.91 -8.62
C TYR A 525 3.11 -8.18 -9.32
N GLU A 526 1.99 -8.01 -8.61
CA GLU A 526 0.80 -7.30 -9.13
C GLU A 526 1.13 -5.86 -9.56
N GLY A 527 0.78 -5.50 -10.79
CA GLY A 527 0.98 -4.11 -11.23
C GLY A 527 2.39 -3.82 -11.73
N GLU A 528 3.28 -4.81 -11.72
CA GLU A 528 4.63 -4.61 -12.24
C GLU A 528 4.66 -4.04 -13.70
N ALA A 529 3.76 -4.49 -14.58
CA ALA A 529 3.82 -4.02 -15.98
C ALA A 529 3.38 -2.56 -16.12
N ALA A 530 2.33 -2.18 -15.39
CA ALA A 530 1.83 -0.81 -15.38
C ALA A 530 2.87 0.15 -14.76
N CYS A 531 3.53 -0.26 -13.66
CA CYS A 531 4.58 0.57 -13.03
C CYS A 531 5.71 0.81 -14.00
N ALA A 532 6.08 -0.25 -14.74
CA ALA A 532 7.17 -0.19 -15.74
C ALA A 532 6.82 0.73 -16.90
N LEU A 533 5.60 0.58 -17.39
CA LEU A 533 5.12 1.44 -18.46
C LEU A 533 5.09 2.92 -18.01
N GLU A 534 4.69 3.20 -16.77
CA GLU A 534 4.64 4.62 -16.28
C GLU A 534 6.03 5.20 -16.08
N ALA A 535 6.96 4.37 -15.65
CA ALA A 535 8.34 4.82 -15.45
C ALA A 535 8.99 5.17 -16.77
N LEU A 536 8.80 4.31 -17.74
CA LEU A 536 9.17 4.61 -19.12
C LEU A 536 8.53 5.91 -19.64
N ALA A 537 7.20 6.03 -19.59
CA ALA A 537 6.53 7.28 -20.06
C ALA A 537 7.03 8.57 -19.39
N ALA A 538 7.34 8.50 -18.09
CA ALA A 538 7.76 9.66 -17.31
C ALA A 538 9.13 10.21 -17.71
N SER A 539 9.93 9.43 -18.45
CA SER A 539 11.22 9.94 -18.97
C SER A 539 10.99 10.79 -20.24
N CYS A 540 9.75 10.78 -20.72
CA CYS A 540 9.38 11.64 -21.85
C CYS A 540 8.79 12.94 -21.32
N ASP A 541 9.27 14.08 -21.80
CA ASP A 541 8.74 15.38 -21.38
C ASP A 541 7.49 15.83 -22.14
N GLY A 542 6.87 14.97 -22.93
CA GLY A 542 5.71 15.39 -23.69
C GLY A 542 6.10 15.40 -25.14
N VAL A 543 5.19 14.96 -26.00
CA VAL A 543 5.54 14.87 -27.39
C VAL A 543 4.30 15.08 -28.23
N THR A 544 4.47 15.55 -29.47
CA THR A 544 3.40 15.71 -30.41
C THR A 544 3.16 14.37 -31.08
N HIS A 545 1.92 13.88 -31.01
CA HIS A 545 1.66 12.51 -31.50
C HIS A 545 0.22 12.47 -31.99
N PRO A 546 -0.10 11.49 -32.86
CA PRO A 546 -1.44 11.39 -33.42
C PRO A 546 -2.36 10.37 -32.76
N VAL A 547 -1.97 9.81 -31.64
CA VAL A 547 -2.71 8.71 -31.00
C VAL A 547 -3.90 9.24 -30.20
N THR A 548 -5.04 8.63 -30.39
CA THR A 548 -6.24 9.10 -29.73
C THR A 548 -7.09 7.93 -29.32
N MET A 549 -8.05 8.22 -28.46
CA MET A 549 -9.04 7.25 -28.05
C MET A 549 -10.37 7.95 -28.17
N PRO A 550 -10.99 7.93 -29.38
CA PRO A 550 -12.28 8.55 -29.55
C PRO A 550 -13.36 7.93 -28.69
N ARG A 551 -14.48 8.64 -28.59
CA ARG A 551 -15.65 8.30 -27.78
C ARG A 551 -16.65 7.75 -28.79
N VAL A 552 -17.20 6.59 -28.56
CA VAL A 552 -18.20 6.05 -29.46
C VAL A 552 -19.37 5.67 -28.57
N ASP A 553 -20.33 6.60 -28.50
CA ASP A 553 -21.47 6.52 -27.63
C ASP A 553 -20.88 6.99 -26.30
N ASN A 554 -20.71 6.03 -25.38
CA ASN A 554 -20.21 6.26 -24.05
C ASN A 554 -19.07 5.31 -23.70
N GLN A 555 -18.41 4.78 -24.74
CA GLN A 555 -17.17 3.98 -24.58
C GLN A 555 -16.01 4.55 -25.37
N LEU A 556 -14.80 4.30 -24.91
CA LEU A 556 -13.59 4.58 -25.68
C LEU A 556 -13.43 3.61 -26.86
N ASP A 557 -13.09 4.14 -28.02
CA ASP A 557 -12.99 3.36 -29.23
C ASP A 557 -11.54 2.79 -29.31
N LEU A 558 -11.31 1.58 -28.78
CA LEU A 558 -9.96 1.00 -28.78
C LEU A 558 -9.48 0.58 -30.19
N ALA A 559 -10.40 0.32 -31.12
CA ALA A 559 -9.99 -0.02 -32.49
C ALA A 559 -9.17 1.11 -33.12
N THR A 560 -9.64 2.34 -32.94
CA THR A 560 -8.97 3.49 -33.51
C THR A 560 -7.66 3.68 -32.77
N PHE A 561 -7.72 3.60 -31.44
CA PHE A 561 -6.51 3.67 -30.59
C PHE A 561 -5.38 2.72 -31.04
N TRP A 562 -5.70 1.43 -31.18
CA TRP A 562 -4.68 0.44 -31.52
C TRP A 562 -4.17 0.74 -32.93
N GLN A 563 -5.06 1.06 -33.84
CA GLN A 563 -4.60 1.34 -35.20
C GLN A 563 -3.62 2.51 -35.24
N GLN A 564 -3.92 3.58 -34.50
CA GLN A 564 -3.01 4.71 -34.51
C GLN A 564 -1.78 4.39 -33.68
N TRP A 565 -1.95 3.76 -32.52
CA TRP A 565 -0.78 3.56 -31.66
C TRP A 565 0.25 2.58 -32.26
N LEU A 566 -0.25 1.51 -32.87
CA LEU A 566 0.61 0.43 -33.40
C LEU A 566 1.35 0.92 -34.65
N ASN A 567 0.75 1.89 -35.35
CA ASN A 567 1.35 2.47 -36.54
C ASN A 567 2.10 3.77 -36.30
N TRP A 568 2.29 4.18 -35.04
CA TRP A 568 3.05 5.39 -34.77
C TRP A 568 4.41 5.06 -34.16
N GLN A 569 5.39 4.95 -35.05
CA GLN A 569 6.76 4.63 -34.67
C GLN A 569 7.38 5.83 -34.02
N ALA A 570 8.07 5.58 -32.91
CA ALA A 570 8.67 6.60 -32.10
C ALA A 570 9.50 5.82 -31.03
N PRO A 571 10.47 6.49 -30.37
CA PRO A 571 11.15 5.89 -29.21
C PRO A 571 10.13 5.30 -28.20
N VAL A 572 10.52 4.26 -27.46
CA VAL A 572 9.59 3.58 -26.57
C VAL A 572 9.00 4.55 -25.50
N ASN A 573 9.82 5.47 -24.98
CA ASN A 573 9.28 6.40 -23.97
C ASN A 573 8.16 7.28 -24.50
N GLN A 574 8.28 7.64 -25.76
CA GLN A 574 7.31 8.50 -26.37
C GLN A 574 6.03 7.73 -26.69
N ARG A 575 6.16 6.48 -27.12
CA ARG A 575 5.00 5.61 -27.30
C ARG A 575 4.27 5.35 -25.97
N ALA A 576 5.02 5.19 -24.88
CA ALA A 576 4.41 5.02 -23.55
C ALA A 576 3.69 6.29 -23.18
N TRP A 577 4.34 7.43 -23.35
CA TRP A 577 3.74 8.73 -23.04
C TRP A 577 2.45 8.97 -23.79
N ALA A 578 2.46 8.66 -25.09
CA ALA A 578 1.32 8.87 -25.97
C ALA A 578 0.12 8.06 -25.52
N PHE A 579 0.36 6.83 -25.03
CA PHE A 579 -0.70 6.04 -24.48
C PHE A 579 -1.37 6.73 -23.27
N HIS A 580 -0.59 7.16 -22.29
CA HIS A 580 -1.15 7.84 -21.12
C HIS A 580 -1.94 9.10 -21.56
N ASP A 581 -1.37 9.86 -22.47
CA ASP A 581 -2.00 11.10 -22.97
C ASP A 581 -3.37 10.86 -23.67
N ALA A 582 -3.41 9.85 -24.53
CA ALA A 582 -4.60 9.50 -25.31
C ALA A 582 -5.71 8.96 -24.39
N LEU A 583 -5.33 8.12 -23.42
CA LEU A 583 -6.25 7.53 -22.42
C LEU A 583 -6.90 8.61 -21.55
N ALA A 584 -6.06 9.51 -21.03
CA ALA A 584 -6.49 10.72 -20.32
C ALA A 584 -7.37 11.65 -21.15
N GLN A 585 -6.98 11.94 -22.38
CA GLN A 585 -7.84 12.77 -23.23
C GLN A 585 -9.20 12.09 -23.46
N GLY A 586 -9.20 10.75 -23.66
CA GLY A 586 -10.44 10.05 -24.03
C GLY A 586 -11.38 10.00 -22.84
N PHE A 587 -10.87 9.63 -21.65
CA PHE A 587 -11.68 9.73 -20.43
C PHE A 587 -12.15 11.16 -20.13
N ALA A 588 -11.28 12.16 -20.31
CA ALA A 588 -11.71 13.56 -20.14
C ALA A 588 -12.91 13.91 -21.01
N ALA A 589 -12.91 13.49 -22.28
CA ALA A 589 -14.00 13.80 -23.18
C ALA A 589 -15.32 13.15 -22.73
N LEU A 590 -15.25 11.92 -22.22
CA LEU A 590 -16.39 11.20 -21.69
C LEU A 590 -16.99 11.92 -20.44
N MET A 591 -16.10 12.29 -19.51
CA MET A 591 -16.51 12.94 -18.28
C MET A 591 -17.05 14.34 -18.57
N ARG A 592 -16.38 15.09 -19.44
CA ARG A 592 -16.93 16.41 -19.82
C ARG A 592 -18.35 16.35 -20.33
N GLU A 593 -18.65 15.45 -21.24
CA GLU A 593 -19.98 15.37 -21.78
C GLU A 593 -20.99 14.98 -20.68
N GLN A 594 -20.62 13.99 -19.88
CA GLN A 594 -21.50 13.48 -18.82
C GLN A 594 -21.79 14.52 -17.77
N ALA A 595 -20.76 15.26 -17.34
CA ALA A 595 -20.91 16.25 -16.29
C ALA A 595 -21.66 17.48 -16.82
N THR A 596 -21.27 17.99 -18.01
CA THR A 596 -21.83 19.27 -18.46
C THR A 596 -23.33 19.15 -18.67
N MET A 597 -23.77 18.02 -19.22
CA MET A 597 -25.18 17.85 -19.56
C MET A 597 -26.02 17.45 -18.38
N ARG A 598 -25.40 17.27 -17.23
CA ARG A 598 -26.15 17.06 -15.98
C ARG A 598 -25.92 18.26 -15.06
N GLY A 599 -25.19 19.25 -15.55
CA GLY A 599 -24.90 20.42 -14.72
C GLY A 599 -24.01 20.12 -13.52
N ILE A 600 -23.07 19.18 -13.69
CA ILE A 600 -22.18 18.83 -12.59
C ILE A 600 -20.86 19.52 -12.83
N THR A 601 -20.30 20.10 -11.78
CA THR A 601 -19.10 20.96 -11.93
C THR A 601 -17.89 20.36 -11.22
N THR A 602 -18.12 19.25 -10.51
CA THR A 602 -17.08 18.55 -9.75
C THR A 602 -16.83 17.10 -10.21
N LEU A 603 -15.55 16.75 -10.45
CA LEU A 603 -15.18 15.41 -10.88
C LEU A 603 -14.32 14.77 -9.83
N VAL A 604 -14.51 13.46 -9.66
CA VAL A 604 -13.77 12.63 -8.68
C VAL A 604 -12.97 11.51 -9.39
N PHE A 605 -11.79 11.19 -8.88
CA PHE A 605 -10.93 10.19 -9.51
C PHE A 605 -10.47 9.28 -8.44
N SER A 606 -10.49 7.99 -8.72
CA SER A 606 -10.13 7.03 -7.70
C SER A 606 -9.84 5.66 -8.31
N GLY A 607 -9.41 4.73 -7.48
CA GLY A 607 -8.99 3.37 -7.94
C GLY A 607 -7.47 3.35 -7.94
N GLY A 608 -6.86 2.16 -7.88
CA GLY A 608 -5.41 2.07 -7.78
C GLY A 608 -4.65 2.66 -8.99
N VAL A 609 -5.25 2.62 -10.18
CA VAL A 609 -4.54 3.16 -11.37
C VAL A 609 -4.30 4.68 -11.22
N ILE A 610 -5.11 5.34 -10.38
CA ILE A 610 -5.04 6.77 -10.15
C ILE A 610 -3.78 7.14 -9.35
N HIS A 611 -3.12 6.16 -8.75
CA HIS A 611 -1.76 6.38 -8.25
C HIS A 611 -0.80 6.72 -9.39
N ASN A 612 -1.20 6.56 -10.65
CA ASN A 612 -0.30 6.93 -11.76
C ASN A 612 -0.22 8.46 -11.86
N ARG A 613 0.96 9.03 -11.58
CA ARG A 613 1.20 10.47 -11.63
C ARG A 613 1.08 11.12 -13.01
N LEU A 614 1.52 10.43 -14.05
CA LEU A 614 1.37 10.97 -15.39
C LEU A 614 -0.10 11.06 -15.77
N LEU A 615 -0.85 10.01 -15.51
CA LEU A 615 -2.27 10.01 -15.84
C LEU A 615 -3.02 11.10 -15.06
N ARG A 616 -2.75 11.24 -13.76
CA ARG A 616 -3.28 12.38 -13.01
C ARG A 616 -2.96 13.71 -13.69
N ALA A 617 -1.68 13.97 -13.97
CA ALA A 617 -1.27 15.22 -14.53
C ALA A 617 -1.98 15.41 -15.90
N ARG A 618 -2.10 14.35 -16.68
CA ARG A 618 -2.77 14.54 -17.99
C ARG A 618 -4.24 14.82 -17.82
N LEU A 619 -4.91 14.10 -16.92
CA LEU A 619 -6.34 14.35 -16.63
C LEU A 619 -6.57 15.81 -16.16
N ALA A 620 -5.74 16.30 -15.24
CA ALA A 620 -5.85 17.66 -14.73
C ALA A 620 -5.59 18.65 -15.86
N HIS A 621 -4.70 18.30 -16.76
CA HIS A 621 -4.50 19.16 -17.94
C HIS A 621 -5.79 19.28 -18.83
N TYR A 622 -6.47 18.16 -19.09
CA TYR A 622 -7.61 18.23 -20.00
C TYR A 622 -8.91 18.70 -19.29
N LEU A 623 -8.91 18.73 -17.96
CA LEU A 623 -10.15 19.03 -17.18
C LEU A 623 -10.03 20.27 -16.31
N ALA A 624 -9.37 21.30 -16.82
CA ALA A 624 -9.19 22.57 -16.11
C ALA A 624 -10.49 23.36 -15.91
N ASP A 625 -11.49 23.10 -16.74
CA ASP A 625 -12.83 23.64 -16.61
C ASP A 625 -13.69 22.97 -15.47
N PHE A 626 -13.13 22.04 -14.69
CA PHE A 626 -13.88 21.39 -13.61
C PHE A 626 -13.13 21.51 -12.29
N THR A 627 -13.84 21.37 -11.18
CA THR A 627 -13.13 21.20 -9.91
C THR A 627 -12.77 19.70 -9.81
N LEU A 628 -11.49 19.40 -9.54
CA LEU A 628 -11.01 18.01 -9.56
C LEU A 628 -10.64 17.52 -8.16
N LEU A 629 -11.19 16.36 -7.80
CA LEU A 629 -10.90 15.72 -6.52
C LEU A 629 -10.09 14.42 -6.69
N PHE A 630 -8.83 14.43 -6.27
CA PHE A 630 -7.98 13.21 -6.28
C PHE A 630 -7.68 12.80 -4.82
N PRO A 631 -7.45 11.49 -4.55
CA PRO A 631 -7.08 11.05 -3.21
C PRO A 631 -5.69 11.57 -2.80
N GLN A 632 -5.47 11.84 -1.52
CA GLN A 632 -4.16 12.28 -1.04
C GLN A 632 -3.84 11.67 0.33
N SER A 633 -4.74 11.80 1.29
CA SER A 633 -4.42 11.32 2.64
C SER A 633 -4.80 9.86 2.90
N LEU A 634 -5.57 9.28 1.98
CA LEU A 634 -5.85 7.86 1.98
C LEU A 634 -5.35 7.33 0.65
N PRO A 635 -4.97 6.05 0.59
CA PRO A 635 -4.65 5.42 -0.69
C PRO A 635 -5.82 5.44 -1.67
N ALA A 636 -5.51 5.71 -2.93
CA ALA A 636 -6.44 5.66 -4.05
C ALA A 636 -6.97 4.25 -4.25
N GLY A 637 -6.15 3.28 -3.88
CA GLY A 637 -6.53 1.90 -4.14
C GLY A 637 -7.31 1.29 -2.97
N ASP A 638 -7.17 -0.02 -2.83
CA ASP A 638 -8.03 -0.82 -2.01
C ASP A 638 -7.82 -0.52 -0.53
N GLY A 639 -6.70 0.13 -0.22
CA GLY A 639 -6.38 0.55 1.16
C GLY A 639 -7.34 1.58 1.71
N GLY A 640 -8.04 2.30 0.83
CA GLY A 640 -9.02 3.33 1.26
C GLY A 640 -10.47 2.83 1.16
N LEU A 641 -10.65 1.63 0.64
CA LEU A 641 -11.99 1.17 0.30
C LEU A 641 -12.97 0.99 1.51
N SER A 642 -12.49 0.46 2.63
CA SER A 642 -13.28 0.40 3.86
C SER A 642 -13.95 1.74 4.21
N LEU A 643 -13.19 2.83 4.13
CA LEU A 643 -13.77 4.15 4.34
C LEU A 643 -14.99 4.47 3.45
N GLY A 644 -14.86 4.21 2.16
CA GLY A 644 -15.94 4.38 1.21
C GLY A 644 -17.20 3.61 1.54
N GLN A 645 -17.03 2.33 1.87
CA GLN A 645 -18.10 1.48 2.38
C GLN A 645 -18.78 2.11 3.60
N GLY A 646 -17.97 2.58 4.53
CA GLY A 646 -18.49 3.23 5.74
C GLY A 646 -19.31 4.51 5.52
N VAL A 647 -18.78 5.46 4.76
CA VAL A 647 -19.63 6.63 4.44
C VAL A 647 -20.89 6.31 3.66
N ILE A 648 -20.84 5.32 2.77
CA ILE A 648 -22.07 4.94 2.05
C ILE A 648 -23.11 4.29 3.00
N ALA A 649 -22.72 3.28 3.78
CA ALA A 649 -23.65 2.72 4.75
C ALA A 649 -24.22 3.81 5.68
N ALA A 650 -23.35 4.72 6.11
CA ALA A 650 -23.79 5.79 7.02
C ALA A 650 -24.83 6.67 6.32
N ALA A 651 -24.63 6.95 5.03
CA ALA A 651 -25.46 7.93 4.31
C ALA A 651 -26.82 7.31 4.06
N ARG A 652 -26.84 6.03 3.80
CA ARG A 652 -28.10 5.26 3.63
C ARG A 652 -28.89 5.20 4.94
N TRP A 653 -28.21 4.97 6.05
CA TRP A 653 -28.87 4.97 7.37
C TRP A 653 -29.42 6.36 7.73
N LEU A 654 -28.60 7.38 7.47
CA LEU A 654 -29.00 8.77 7.76
C LEU A 654 -30.22 9.21 6.98
N ALA A 655 -30.39 8.66 5.77
CA ALA A 655 -31.58 8.91 4.93
C ALA A 655 -32.80 8.10 5.37
N GLY A 656 -32.63 7.29 6.40
CA GLY A 656 -33.68 6.40 6.87
C GLY A 656 -34.01 5.26 5.92
N GLU A 657 -33.05 4.87 5.06
CA GLU A 657 -33.29 3.73 4.15
C GLU A 657 -33.54 2.41 4.93
N VAL A 658 -34.55 1.69 4.42
CA VAL A 658 -35.09 0.42 4.93
C VAL A 658 -34.01 -0.60 5.31
ZN ZN B . 11.55 9.88 23.96
ZN ZN C . 15.46 0.10 35.03
ZN ZN D . -10.06 -1.48 -6.42
MG MG E . 21.87 12.86 -2.37
#